data_3NT1
#
_entry.id   3NT1
#
_cell.length_a   122.295
_cell.length_b   133.233
_cell.length_c   181.269
_cell.angle_alpha   90.00
_cell.angle_beta   90.00
_cell.angle_gamma   90.00
#
_symmetry.space_group_name_H-M   'I 2 2 2'
#
loop_
_entity.id
_entity.type
_entity.pdbx_description
1 polymer 'Prostaglandin-endoperoxide synthase 2'
2 branched 2-acetamido-2-deoxy-beta-D-glucopyranose-(1-4)-2-acetamido-2-deoxy-beta-D-glucopyranose
3 non-polymer 2-acetamido-2-deoxy-beta-D-glucopyranose
4 non-polymer 'octyl beta-D-glucopyranoside'
5 non-polymer '(2S)-2-(6-methoxynaphthalen-2-yl)propanoic acid'
6 non-polymer 'PROTOPORPHYRIN IX CONTAINING FE'
7 non-polymer 'CHLORIDE ION'
8 water water
#
_entity_poly.entity_id   1
_entity_poly.type   'polypeptide(L)'
_entity_poly.pdbx_seq_one_letter_code
;ANPCCSNPCQNRGECMSTGFDQYKCDCTRTGFYGENCTTPEFLTRIKLLLKPTPNTVHYILTHFKGVWNIVNNIPFLRSL
IMKYVLTSRSYLIDSPPTYNVHYGYKSWEAFSNLSYYTRALPPVADDCPTPMGVKGNKELPDSKEVLEKVLLRREFIPDP
QGSNMMFAFFAQHFTHQFFKTDHKRGPGFTRGLGHGVDLNHIYGETLDRQHKLRLFKDGKLKYQVIGGEVYPPTVKDTQV
EMIYPPHIPENLQFAVGQEVFGLVPGLMMYATIWLREHNRVCDILKQEHPEWGDEQLFQTSRLILIGETIKIVIEDYVQH
LSGYHFKLKFDPELLFNQQFQYQNRIASEFNTLYHWHPLLPDTFNIEDQEYSFKQFLYNNSILLEHGLTQFVESFTRQIA
GRVAGGRNVPIAVQAVAKASIDQSREMKYQSLNEYRKRFSLKPYTSFEELTGEKEMAAELKALYSDIDVMELYPALLVEK
PRPDAIFGETMVELGAPFSLKGLMGNPICSPQYWKPSTFGGEVGFKIINTASIQSLICNNVKGCPFTSFNVQDPQPTKTA
TINASASHSRLDDINPTVLIKRRSTEL
;
_entity_poly.pdbx_strand_id   A,B
#
# COMPACT_ATOMS: atom_id res chain seq x y z
N ALA A 1 -12.37 24.86 -22.45
CA ALA A 1 -12.99 23.73 -23.20
C ALA A 1 -13.71 22.79 -22.24
N ASN A 2 -12.96 22.07 -21.43
CA ASN A 2 -13.53 21.26 -20.36
C ASN A 2 -14.38 22.15 -19.45
N PRO A 3 -15.66 21.79 -19.22
CA PRO A 3 -16.50 22.63 -18.35
C PRO A 3 -16.05 22.69 -16.88
N CYS A 4 -15.12 21.82 -16.49
CA CYS A 4 -14.58 21.84 -15.14
C CYS A 4 -13.33 22.75 -15.00
N CYS A 5 -12.95 23.43 -16.08
CA CYS A 5 -11.74 24.26 -16.09
C CYS A 5 -11.72 25.38 -15.05
N SER A 6 -12.89 25.91 -14.71
CA SER A 6 -12.98 27.01 -13.72
C SER A 6 -12.85 26.55 -12.26
N ASN A 7 -12.72 25.24 -12.03
CA ASN A 7 -12.67 24.66 -10.69
C ASN A 7 -13.92 25.04 -9.87
N PRO A 8 -15.12 24.81 -10.44
CA PRO A 8 -16.35 25.33 -9.83
C PRO A 8 -16.74 24.65 -8.51
N CYS A 9 -16.36 23.39 -8.31
CA CYS A 9 -16.80 22.64 -7.14
C CYS A 9 -15.95 23.02 -5.93
N GLN A 10 -16.61 23.42 -4.85
CA GLN A 10 -15.93 23.87 -3.64
C GLN A 10 -15.93 22.79 -2.57
N ASN A 11 -15.17 23.03 -1.50
CA ASN A 11 -15.19 22.21 -0.29
C ASN A 11 -14.91 20.73 -0.55
N ARG A 12 -13.98 20.50 -1.48
CA ARG A 12 -13.52 19.17 -1.86
C ARG A 12 -14.55 18.33 -2.65
N GLY A 13 -15.60 18.97 -3.14
CA GLY A 13 -16.51 18.34 -4.09
C GLY A 13 -15.77 18.08 -5.40
N GLU A 14 -16.22 17.07 -6.14
CA GLU A 14 -15.51 16.64 -7.35
C GLU A 14 -16.31 17.00 -8.60
N CYS A 15 -15.62 17.56 -9.58
CA CYS A 15 -16.24 18.05 -10.82
C CYS A 15 -16.16 16.98 -11.90
N MET A 16 -17.28 16.73 -12.55
CA MET A 16 -17.36 15.81 -13.68
C MET A 16 -18.14 16.51 -14.80
N SER A 17 -17.62 16.43 -16.02
CA SER A 17 -18.37 16.94 -17.17
C SER A 17 -19.58 16.05 -17.40
N THR A 18 -20.69 16.65 -17.83
CA THR A 18 -21.90 15.90 -18.12
C THR A 18 -22.36 16.18 -19.55
N GLY A 19 -21.43 16.64 -20.37
CA GLY A 19 -21.71 17.10 -21.72
C GLY A 19 -20.57 18.01 -22.14
N PHE A 20 -20.65 18.55 -23.35
CA PHE A 20 -19.57 19.39 -23.86
C PHE A 20 -19.38 20.71 -23.11
N ASP A 21 -20.47 21.26 -22.58
CA ASP A 21 -20.44 22.57 -21.90
C ASP A 21 -21.21 22.57 -20.57
N GLN A 22 -21.30 21.43 -19.91
CA GLN A 22 -22.04 21.31 -18.65
C GLN A 22 -21.27 20.43 -17.66
N TYR A 23 -21.37 20.75 -16.37
CA TYR A 23 -20.70 19.96 -15.32
C TYR A 23 -21.66 19.62 -14.19
N LYS A 24 -21.26 18.63 -13.39
CA LYS A 24 -21.94 18.31 -12.14
C LYS A 24 -20.89 18.22 -11.04
N CYS A 25 -21.23 18.70 -9.84
CA CYS A 25 -20.39 18.49 -8.67
C CYS A 25 -20.91 17.35 -7.83
N ASP A 26 -20.01 16.45 -7.44
CA ASP A 26 -20.31 15.37 -6.53
C ASP A 26 -19.89 15.84 -5.14
N CYS A 27 -20.88 16.17 -4.31
CA CYS A 27 -20.61 16.71 -2.97
C CYS A 27 -20.60 15.64 -1.88
N THR A 28 -20.55 14.37 -2.27
CA THR A 28 -20.57 13.25 -1.31
C THR A 28 -19.56 13.45 -0.17
N ARG A 29 -20.08 13.39 1.05
CA ARG A 29 -19.28 13.48 2.29
C ARG A 29 -18.46 14.77 2.47
N THR A 30 -18.83 15.85 1.79
CA THR A 30 -18.15 17.13 1.94
C THR A 30 -18.69 17.94 3.12
N GLY A 31 -19.92 17.65 3.51
CA GLY A 31 -20.62 18.46 4.51
C GLY A 31 -21.44 19.59 3.89
N PHE A 32 -21.40 19.69 2.56
CA PHE A 32 -22.10 20.72 1.81
C PHE A 32 -22.93 20.08 0.72
N TYR A 33 -23.87 20.84 0.17
CA TYR A 33 -24.66 20.41 -0.98
C TYR A 33 -24.93 21.61 -1.91
N GLY A 34 -25.73 21.41 -2.94
CA GLY A 34 -25.98 22.45 -3.94
C GLY A 34 -25.09 22.29 -5.15
N GLU A 35 -25.36 23.07 -6.19
CA GLU A 35 -24.68 22.92 -7.48
C GLU A 35 -23.16 22.88 -7.37
N ASN A 36 -22.58 23.72 -6.50
CA ASN A 36 -21.12 23.83 -6.34
C ASN A 36 -20.62 23.37 -4.97
N CYS A 37 -21.43 22.64 -4.21
CA CYS A 37 -21.08 22.18 -2.86
C CYS A 37 -20.74 23.37 -1.94
N THR A 38 -21.55 24.44 -2.01
CA THR A 38 -21.35 25.62 -1.17
C THR A 38 -22.44 25.86 -0.12
N THR A 39 -23.52 25.07 -0.14
CA THR A 39 -24.55 25.18 0.90
C THR A 39 -24.24 24.22 2.03
N PRO A 40 -23.91 24.73 3.22
CA PRO A 40 -23.54 23.85 4.32
C PRO A 40 -24.73 23.16 4.98
N GLU A 41 -24.52 21.92 5.41
CA GLU A 41 -25.46 21.22 6.27
C GLU A 41 -25.42 21.86 7.65
N PHE A 42 -26.46 21.63 8.46
CA PHE A 42 -26.57 22.30 9.75
C PHE A 42 -25.35 22.05 10.65
N LEU A 43 -24.92 20.81 10.73
CA LEU A 43 -23.75 20.46 11.55
C LEU A 43 -22.50 21.17 11.03
N THR A 44 -22.38 21.24 9.69
CA THR A 44 -21.27 21.96 9.07
C THR A 44 -21.26 23.45 9.44
N ARG A 45 -22.42 24.07 9.45
CA ARG A 45 -22.54 25.47 9.88
C ARG A 45 -21.98 25.67 11.29
N ILE A 46 -22.35 24.76 12.20
CA ILE A 46 -21.89 24.83 13.60
C ILE A 46 -20.39 24.62 13.71
N LYS A 47 -19.86 23.60 13.04
CA LYS A 47 -18.43 23.34 13.03
C LYS A 47 -17.65 24.53 12.48
N LEU A 48 -18.15 25.11 11.39
CA LEU A 48 -17.55 26.32 10.80
C LEU A 48 -17.48 27.47 11.82
N LEU A 49 -18.58 27.67 12.55
CA LEU A 49 -18.68 28.77 13.51
C LEU A 49 -17.65 28.63 14.64
N LEU A 50 -17.50 27.41 15.16
CA LEU A 50 -16.61 27.17 16.30
C LEU A 50 -15.13 27.05 15.93
N LYS A 51 -14.84 26.63 14.70
CA LYS A 51 -13.47 26.33 14.30
C LYS A 51 -12.55 27.55 14.28
N PRO A 52 -11.47 27.53 15.09
CA PRO A 52 -10.51 28.64 15.05
C PRO A 52 -9.63 28.59 13.80
N THR A 53 -9.16 29.76 13.37
CA THR A 53 -8.29 29.85 12.20
C THR A 53 -6.89 29.32 12.51
N PRO A 54 -6.13 28.93 11.47
CA PRO A 54 -4.75 28.51 11.71
C PRO A 54 -3.91 29.55 12.44
N ASN A 55 -4.08 30.83 12.11
CA ASN A 55 -3.33 31.89 12.77
C ASN A 55 -3.63 31.97 14.26
N THR A 56 -4.89 31.73 14.64
CA THR A 56 -5.29 31.71 16.05
C THR A 56 -4.69 30.51 16.79
N VAL A 57 -4.73 29.33 16.15
CA VAL A 57 -4.15 28.11 16.74
C VAL A 57 -2.64 28.25 16.90
N HIS A 58 -1.98 28.74 15.85
CA HIS A 58 -0.54 29.01 15.89
C HIS A 58 -0.18 29.97 17.02
N TYR A 59 -0.98 31.02 17.20
CA TYR A 59 -0.77 31.95 18.30
C TYR A 59 -0.78 31.23 19.64
N ILE A 60 -1.82 30.43 19.88
CA ILE A 60 -1.98 29.72 21.15
C ILE A 60 -0.83 28.74 21.40
N LEU A 61 -0.36 28.08 20.34
CA LEU A 61 0.73 27.11 20.47
C LEU A 61 2.09 27.77 20.70
N THR A 62 2.22 29.04 20.37
CA THR A 62 3.49 29.77 20.45
C THR A 62 3.49 30.81 21.59
N HIS A 63 2.43 30.83 22.38
CA HIS A 63 2.35 31.70 23.57
C HIS A 63 1.95 30.86 24.78
N PHE A 64 1.80 31.50 25.94
CA PHE A 64 1.35 30.83 27.16
C PHE A 64 2.28 29.67 27.55
N LYS A 65 3.59 29.93 27.49
CA LYS A 65 4.59 28.89 27.76
C LYS A 65 4.39 28.21 29.11
N GLY A 66 4.00 28.98 30.13
CA GLY A 66 3.77 28.45 31.48
C GLY A 66 2.65 27.43 31.54
N VAL A 67 1.57 27.68 30.82
CA VAL A 67 0.47 26.73 30.71
C VAL A 67 0.92 25.46 29.96
N TRP A 68 1.65 25.63 28.87
CA TRP A 68 2.14 24.48 28.10
C TRP A 68 3.11 23.63 28.91
N ASN A 69 3.92 24.27 29.75
CA ASN A 69 4.86 23.56 30.60
C ASN A 69 4.12 22.60 31.54
N ILE A 70 2.96 23.01 32.03
CA ILE A 70 2.09 22.16 32.84
C ILE A 70 1.51 21.05 31.97
N VAL A 71 0.95 21.43 30.82
CA VAL A 71 0.34 20.49 29.89
C VAL A 71 1.32 19.39 29.47
N ASN A 72 2.55 19.79 29.15
CA ASN A 72 3.59 18.84 28.72
C ASN A 72 3.94 17.78 29.77
N ASN A 73 3.72 18.10 31.04
CA ASN A 73 4.02 17.18 32.15
C ASN A 73 2.80 16.40 32.66
N ILE A 74 1.68 16.49 31.94
CA ILE A 74 0.50 15.68 32.23
C ILE A 74 0.31 14.72 31.04
N PRO A 75 0.81 13.48 31.17
CA PRO A 75 0.82 12.55 30.03
C PRO A 75 -0.52 12.37 29.31
N PHE A 76 -1.61 12.25 30.06
CA PHE A 76 -2.94 12.08 29.46
C PHE A 76 -3.29 13.24 28.50
N LEU A 77 -2.97 14.46 28.93
CA LEU A 77 -3.29 15.67 28.16
C LEU A 77 -2.33 15.83 26.96
N ARG A 78 -1.05 15.56 27.17
CA ARG A 78 -0.07 15.56 26.08
C ARG A 78 -0.47 14.56 24.99
N SER A 79 -0.87 13.37 25.41
CA SER A 79 -1.35 12.34 24.49
C SER A 79 -2.59 12.79 23.74
N LEU A 80 -3.55 13.36 24.46
CA LEU A 80 -4.81 13.84 23.87
C LEU A 80 -4.56 14.87 22.77
N ILE A 81 -3.69 15.83 23.06
CA ILE A 81 -3.39 16.91 22.12
C ILE A 81 -2.57 16.43 20.92
N MET A 82 -1.57 15.58 21.17
CA MET A 82 -0.78 15.02 20.06
C MET A 82 -1.65 14.13 19.18
N LYS A 83 -2.54 13.37 19.79
CA LYS A 83 -3.49 12.54 19.02
C LYS A 83 -4.29 13.42 18.05
N TYR A 84 -4.80 14.53 18.55
CA TYR A 84 -5.60 15.45 17.74
C TYR A 84 -4.77 16.11 16.64
N VAL A 85 -3.50 16.43 16.94
CA VAL A 85 -2.59 16.95 15.91
C VAL A 85 -2.44 15.94 14.77
N LEU A 86 -2.19 14.68 15.13
CA LEU A 86 -2.00 13.64 14.10
C LEU A 86 -3.26 13.40 13.26
N THR A 87 -4.40 13.28 13.92
CA THR A 87 -5.65 12.93 13.22
C THR A 87 -6.18 14.10 12.37
N SER A 88 -6.15 15.31 12.93
CA SER A 88 -6.65 16.49 12.21
C SER A 88 -5.80 16.80 10.97
N ARG A 89 -4.49 16.64 11.08
CA ARG A 89 -3.57 16.85 9.95
C ARG A 89 -3.75 15.78 8.89
N SER A 90 -3.79 14.53 9.31
CA SER A 90 -3.84 13.41 8.37
C SER A 90 -5.14 13.39 7.57
N TYR A 91 -6.22 13.89 8.18
CA TYR A 91 -7.54 14.00 7.52
C TYR A 91 -7.51 14.77 6.19
N LEU A 92 -6.53 15.65 6.03
CA LEU A 92 -6.39 16.47 4.82
C LEU A 92 -5.76 15.72 3.64
N ILE A 93 -5.25 14.52 3.88
CA ILE A 93 -4.56 13.75 2.84
C ILE A 93 -5.46 12.61 2.35
N ASP A 94 -5.63 12.49 1.04
CA ASP A 94 -6.36 11.38 0.44
C ASP A 94 -5.53 10.10 0.56
N SER A 95 -6.10 9.07 1.17
CA SER A 95 -5.39 7.81 1.37
C SER A 95 -6.40 6.68 1.47
N PRO A 96 -6.42 5.73 0.49
CA PRO A 96 -5.57 5.61 -0.70
C PRO A 96 -5.54 6.83 -1.62
N PRO A 97 -4.44 7.00 -2.36
CA PRO A 97 -4.24 8.21 -3.16
C PRO A 97 -5.08 8.22 -4.42
N THR A 98 -5.19 9.40 -5.02
CA THR A 98 -6.10 9.63 -6.15
C THR A 98 -5.35 10.10 -7.40
N TYR A 99 -5.18 11.41 -7.56
CA TYR A 99 -4.76 12.00 -8.83
C TYR A 99 -3.25 11.97 -9.07
N ASN A 100 -2.84 12.23 -10.31
CA ASN A 100 -1.42 12.50 -10.60
C ASN A 100 -1.30 13.43 -11.79
N VAL A 101 -0.07 13.66 -12.28
CA VAL A 101 0.14 14.64 -13.35
C VAL A 101 -0.67 14.32 -14.63
N HIS A 102 -0.92 13.04 -14.88
CA HIS A 102 -1.62 12.63 -16.09
C HIS A 102 -3.10 12.34 -15.92
N TYR A 103 -3.58 12.31 -14.68
CA TYR A 103 -4.97 11.94 -14.39
C TYR A 103 -5.66 12.94 -13.45
N GLY A 104 -6.59 13.70 -14.01
CA GLY A 104 -7.44 14.63 -13.25
C GLY A 104 -8.77 14.01 -12.83
N TYR A 105 -8.88 12.70 -13.03
CA TYR A 105 -10.01 11.89 -12.55
C TYR A 105 -9.38 10.63 -11.96
N LYS A 106 -10.08 9.95 -11.07
CA LYS A 106 -9.57 8.73 -10.45
C LYS A 106 -9.47 7.60 -11.48
N SER A 107 -8.39 6.83 -11.42
CA SER A 107 -8.22 5.71 -12.34
C SER A 107 -7.32 4.63 -11.74
N TRP A 108 -7.47 3.40 -12.24
CA TRP A 108 -6.61 2.33 -11.77
C TRP A 108 -5.15 2.62 -12.10
N GLU A 109 -4.90 3.26 -13.24
CA GLU A 109 -3.52 3.65 -13.59
C GLU A 109 -2.94 4.60 -12.54
N ALA A 110 -3.69 5.63 -12.16
CA ALA A 110 -3.21 6.60 -11.16
C ALA A 110 -3.04 5.95 -9.79
N PHE A 111 -3.97 5.08 -9.41
CA PHE A 111 -3.83 4.39 -8.15
C PHE A 111 -2.60 3.47 -8.15
N SER A 112 -2.47 2.65 -9.19
CA SER A 112 -1.54 1.52 -9.16
C SER A 112 -0.10 1.82 -9.55
N ASN A 113 0.11 2.86 -10.35
CA ASN A 113 1.45 3.13 -10.89
C ASN A 113 2.30 3.92 -9.90
N LEU A 114 3.20 3.23 -9.22
CA LEU A 114 3.98 3.82 -8.14
C LEU A 114 5.10 4.76 -8.63
N SER A 115 5.33 4.80 -9.95
CA SER A 115 6.35 5.69 -10.50
C SER A 115 5.93 7.16 -10.53
N TYR A 116 4.65 7.45 -10.35
CA TYR A 116 4.17 8.83 -10.24
C TYR A 116 4.19 9.35 -8.80
N TYR A 117 4.50 10.64 -8.64
CA TYR A 117 4.07 11.35 -7.44
C TYR A 117 2.56 11.48 -7.53
N THR A 118 1.87 11.44 -6.40
CA THR A 118 0.45 11.71 -6.37
C THR A 118 0.21 13.22 -6.36
N ARG A 119 -1.04 13.63 -6.45
CA ARG A 119 -1.41 15.04 -6.49
C ARG A 119 -2.53 15.34 -5.50
N ALA A 120 -2.27 16.31 -4.62
CA ALA A 120 -3.27 16.82 -3.69
C ALA A 120 -4.42 17.52 -4.41
N LEU A 121 -4.11 18.20 -5.52
CA LEU A 121 -5.14 18.71 -6.42
C LEU A 121 -4.84 18.21 -7.81
N PRO A 122 -5.89 17.86 -8.57
CA PRO A 122 -5.69 17.40 -9.93
C PRO A 122 -5.09 18.50 -10.81
N PRO A 123 -4.43 18.10 -11.90
CA PRO A 123 -3.90 19.09 -12.81
C PRO A 123 -4.98 19.86 -13.56
N VAL A 124 -4.64 21.08 -13.95
CA VAL A 124 -5.47 21.86 -14.85
C VAL A 124 -5.48 21.13 -16.20
N ALA A 125 -6.66 20.86 -16.72
CA ALA A 125 -6.81 20.11 -17.96
C ALA A 125 -6.09 20.79 -19.11
N ASP A 126 -5.60 19.99 -20.06
CA ASP A 126 -4.80 20.51 -21.18
C ASP A 126 -5.56 21.51 -22.06
N ASP A 127 -6.86 21.29 -22.24
CA ASP A 127 -7.64 22.14 -23.15
C ASP A 127 -8.27 23.38 -22.49
N CYS A 128 -7.90 23.66 -21.24
CA CYS A 128 -8.39 24.87 -20.57
C CYS A 128 -7.78 26.13 -21.21
N PRO A 129 -8.56 27.22 -21.28
CA PRO A 129 -8.12 28.42 -21.98
C PRO A 129 -6.92 29.16 -21.35
N THR A 130 -6.72 29.00 -20.04
CA THR A 130 -5.60 29.65 -19.35
C THR A 130 -4.83 28.65 -18.49
N PRO A 131 -3.58 28.98 -18.12
CA PRO A 131 -2.78 28.05 -17.32
C PRO A 131 -3.46 27.62 -16.01
N MET A 132 -4.14 28.56 -15.34
CA MET A 132 -4.82 28.25 -14.07
C MET A 132 -6.26 27.78 -14.24
N GLY A 133 -6.74 27.71 -15.48
CA GLY A 133 -8.09 27.23 -15.76
C GLY A 133 -8.78 28.18 -16.71
N VAL A 134 -9.47 29.18 -16.15
CA VAL A 134 -10.13 30.22 -16.94
C VAL A 134 -9.68 31.65 -16.56
N LYS A 135 -9.12 31.82 -15.37
CA LYS A 135 -8.68 33.14 -14.90
C LYS A 135 -7.29 33.49 -15.43
N GLY A 136 -6.99 34.79 -15.44
CA GLY A 136 -5.65 35.28 -15.77
C GLY A 136 -5.41 35.44 -17.27
N ASN A 137 -4.17 35.79 -17.60
CA ASN A 137 -3.76 35.96 -18.99
C ASN A 137 -3.48 34.62 -19.64
N LYS A 138 -3.30 34.64 -20.96
CA LYS A 138 -3.04 33.42 -21.74
C LYS A 138 -1.77 32.70 -21.32
N GLU A 139 -0.77 33.46 -20.90
CA GLU A 139 0.48 32.89 -20.39
C GLU A 139 0.78 33.48 -19.03
N LEU A 140 1.42 32.68 -18.17
CA LEU A 140 1.88 33.17 -16.87
C LEU A 140 3.08 34.10 -17.08
N PRO A 141 3.37 34.95 -16.09
CA PRO A 141 4.51 35.85 -16.23
C PRO A 141 5.84 35.09 -16.38
N ASP A 142 6.80 35.74 -17.04
CA ASP A 142 8.16 35.23 -17.20
C ASP A 142 8.71 34.75 -15.86
N SER A 143 9.08 33.47 -15.77
CA SER A 143 9.54 32.90 -14.49
C SER A 143 10.85 33.52 -14.02
N LYS A 144 11.72 33.92 -14.97
CA LYS A 144 12.95 34.63 -14.64
C LYS A 144 12.64 35.97 -13.97
N GLU A 145 11.62 36.66 -14.46
CA GLU A 145 11.22 37.94 -13.90
C GLU A 145 10.66 37.78 -12.48
N VAL A 146 9.82 36.78 -12.26
CA VAL A 146 9.31 36.48 -10.93
C VAL A 146 10.49 36.19 -9.98
N LEU A 147 11.38 35.32 -10.43
CA LEU A 147 12.60 34.96 -9.70
C LEU A 147 13.40 36.19 -9.28
N GLU A 148 13.78 37.01 -10.26
CA GLU A 148 14.64 38.15 -9.98
C GLU A 148 13.97 39.24 -9.15
N LYS A 149 12.68 39.50 -9.40
CA LYS A 149 11.99 40.59 -8.72
C LYS A 149 11.65 40.30 -7.26
N VAL A 150 11.26 39.07 -6.93
CA VAL A 150 10.78 38.78 -5.57
C VAL A 150 11.40 37.57 -4.84
N LEU A 151 12.22 36.77 -5.50
CA LEU A 151 12.80 35.57 -4.88
C LEU A 151 14.29 35.68 -4.57
N LEU A 152 15.05 36.29 -5.48
CA LEU A 152 16.51 36.30 -5.35
C LEU A 152 16.98 37.16 -4.18
N ARG A 153 17.99 36.64 -3.49
CA ARG A 153 18.58 37.28 -2.32
C ARG A 153 19.33 38.55 -2.71
N ARG A 154 19.00 39.65 -2.05
CA ARG A 154 19.82 40.85 -2.11
C ARG A 154 20.83 40.68 -0.96
N GLU A 155 20.40 41.01 0.25
CA GLU A 155 21.20 40.78 1.44
C GLU A 155 20.67 39.54 2.17
N PHE A 156 21.57 38.75 2.74
CA PHE A 156 21.19 37.55 3.49
C PHE A 156 20.23 37.91 4.62
N ILE A 157 19.10 37.20 4.67
CA ILE A 157 18.10 37.39 5.72
C ILE A 157 18.11 36.16 6.62
N PRO A 158 18.63 36.30 7.85
CA PRO A 158 18.73 35.13 8.73
C PRO A 158 17.36 34.67 9.24
N ASP A 159 17.23 33.39 9.57
CA ASP A 159 15.99 32.87 10.13
C ASP A 159 15.82 33.38 11.56
N PRO A 160 14.70 34.09 11.86
CA PRO A 160 14.48 34.54 13.23
C PRO A 160 14.19 33.40 14.22
N GLN A 161 13.78 32.22 13.73
CA GLN A 161 13.64 31.04 14.59
C GLN A 161 14.97 30.39 14.96
N GLY A 162 16.06 30.87 14.38
CA GLY A 162 17.39 30.40 14.75
C GLY A 162 17.81 29.06 14.14
N SER A 163 17.13 28.61 13.08
CA SER A 163 17.53 27.38 12.39
C SER A 163 18.98 27.48 11.94
N ASN A 164 19.71 26.38 12.05
CA ASN A 164 21.14 26.36 11.74
C ASN A 164 21.43 25.41 10.58
N MET A 165 22.70 25.21 10.26
CA MET A 165 23.06 24.36 9.13
C MET A 165 22.91 22.88 9.41
N MET A 166 22.94 22.48 10.68
CA MET A 166 22.55 21.11 11.03
C MET A 166 21.11 20.86 10.61
N PHE A 167 20.24 21.84 10.84
CA PHE A 167 18.84 21.76 10.44
C PHE A 167 18.69 21.73 8.93
N ALA A 168 19.35 22.66 8.25
CA ALA A 168 19.26 22.76 6.79
C ALA A 168 19.68 21.47 6.10
N PHE A 169 20.85 20.94 6.49
CA PHE A 169 21.35 19.70 5.88
C PHE A 169 20.57 18.46 6.31
N PHE A 170 19.95 18.50 7.49
CA PHE A 170 19.08 17.39 7.91
C PHE A 170 17.84 17.35 7.02
N ALA A 171 17.23 18.51 6.80
CA ALA A 171 16.08 18.60 5.90
C ALA A 171 16.42 18.02 4.53
N GLN A 172 17.55 18.43 3.98
CA GLN A 172 17.96 18.00 2.65
C GLN A 172 18.19 16.49 2.62
N HIS A 173 18.96 16.01 3.59
CA HIS A 173 19.28 14.59 3.69
C HIS A 173 18.02 13.73 3.88
N PHE A 174 17.23 14.07 4.88
CA PHE A 174 16.02 13.32 5.20
C PHE A 174 15.01 13.28 4.04
N THR A 175 14.70 14.44 3.47
CA THR A 175 13.67 14.50 2.41
C THR A 175 14.09 13.82 1.12
N HIS A 176 15.41 13.73 0.86
CA HIS A 176 15.89 13.16 -0.40
C HIS A 176 15.81 11.63 -0.46
N GLN A 177 15.28 10.99 0.58
CA GLN A 177 14.90 9.59 0.46
C GLN A 177 13.55 9.45 -0.25
N PHE A 178 12.69 10.45 -0.14
CA PHE A 178 11.37 10.35 -0.78
C PHE A 178 11.10 11.37 -1.89
N PHE A 179 11.96 12.38 -2.03
CA PHE A 179 11.95 13.23 -3.21
C PHE A 179 13.14 12.82 -4.08
N LYS A 180 12.86 12.00 -5.08
CA LYS A 180 13.85 11.48 -6.01
C LYS A 180 13.27 11.51 -7.41
N THR A 181 13.18 12.69 -7.98
CA THR A 181 12.49 12.86 -9.25
C THR A 181 13.18 12.10 -10.38
N ASP A 182 12.39 11.37 -11.15
CA ASP A 182 12.90 10.59 -12.27
C ASP A 182 12.90 11.48 -13.48
N HIS A 183 13.98 12.22 -13.66
CA HIS A 183 14.05 13.26 -14.68
C HIS A 183 13.96 12.69 -16.11
N LYS A 184 14.32 11.41 -16.27
CA LYS A 184 14.16 10.71 -17.56
C LYS A 184 12.69 10.66 -18.00
N ARG A 185 11.79 10.52 -17.04
CA ARG A 185 10.36 10.43 -17.33
C ARG A 185 9.69 11.81 -17.27
N GLY A 186 10.05 12.60 -16.26
CA GLY A 186 9.50 13.95 -16.09
C GLY A 186 9.36 14.32 -14.62
N PRO A 187 9.05 15.60 -14.34
CA PRO A 187 8.98 16.10 -12.96
C PRO A 187 7.87 15.45 -12.11
N GLY A 188 6.86 14.89 -12.76
CA GLY A 188 5.76 14.22 -12.05
C GLY A 188 6.05 12.78 -11.67
N PHE A 189 7.26 12.30 -11.92
CA PHE A 189 7.65 10.91 -11.69
C PHE A 189 8.73 10.80 -10.65
N THR A 190 8.70 9.71 -9.88
CA THR A 190 9.65 9.48 -8.81
C THR A 190 10.36 8.14 -8.96
N ARG A 191 11.59 8.08 -8.46
CA ARG A 191 12.33 6.83 -8.35
C ARG A 191 12.21 6.23 -6.94
N GLY A 192 11.56 6.95 -6.03
CA GLY A 192 11.41 6.51 -4.64
C GLY A 192 10.13 5.70 -4.47
N LEU A 193 10.17 4.44 -4.89
CA LEU A 193 8.95 3.63 -4.95
C LEU A 193 8.41 3.20 -3.59
N GLY A 194 9.21 3.38 -2.54
CA GLY A 194 8.75 3.19 -1.17
C GLY A 194 7.84 4.31 -0.68
N HIS A 195 7.89 5.47 -1.35
CA HIS A 195 7.02 6.60 -1.04
C HIS A 195 6.99 7.00 0.44
N GLY A 196 8.17 7.04 1.07
CA GLY A 196 8.22 7.40 2.47
C GLY A 196 9.55 7.11 3.12
N VAL A 197 9.50 6.90 4.43
CA VAL A 197 10.70 6.79 5.25
C VAL A 197 11.15 5.32 5.31
N ASP A 198 11.81 4.89 4.23
CA ASP A 198 12.34 3.53 4.14
C ASP A 198 13.86 3.49 4.28
N LEU A 199 14.48 4.67 4.41
CA LEU A 199 15.93 4.83 4.51
C LEU A 199 16.71 4.28 3.30
N ASN A 200 16.10 4.33 2.11
CA ASN A 200 16.79 3.95 0.88
C ASN A 200 17.99 4.84 0.59
N HIS A 201 18.00 6.04 1.18
CA HIS A 201 19.12 6.97 1.01
C HIS A 201 20.36 6.52 1.78
N ILE A 202 20.18 5.54 2.67
CA ILE A 202 21.27 4.85 3.35
C ILE A 202 21.52 3.46 2.74
N TYR A 203 20.46 2.71 2.48
CA TYR A 203 20.57 1.29 2.12
C TYR A 203 20.45 0.99 0.62
N GLY A 204 20.06 1.98 -0.17
CA GLY A 204 19.81 1.79 -1.59
C GLY A 204 18.35 1.49 -1.89
N GLU A 205 17.89 1.98 -3.03
CA GLU A 205 16.51 1.77 -3.48
C GLU A 205 16.26 0.30 -3.86
N THR A 206 17.26 -0.32 -4.48
CA THR A 206 17.15 -1.69 -5.00
C THR A 206 18.01 -2.68 -4.20
N LEU A 207 17.63 -3.95 -4.26
CA LEU A 207 18.36 -5.01 -3.59
C LEU A 207 19.82 -5.14 -4.08
N ASP A 208 20.01 -4.97 -5.40
CA ASP A 208 21.36 -5.03 -5.99
C ASP A 208 22.29 -3.98 -5.37
N ARG A 209 21.80 -2.76 -5.25
CA ARG A 209 22.58 -1.67 -4.63
C ARG A 209 22.84 -1.94 -3.14
N GLN A 210 21.80 -2.36 -2.42
CA GLN A 210 21.94 -2.70 -1.00
C GLN A 210 23.02 -3.75 -0.78
N HIS A 211 23.02 -4.79 -1.61
CA HIS A 211 23.97 -5.87 -1.44
C HIS A 211 25.41 -5.45 -1.73
N LYS A 212 25.59 -4.48 -2.62
CA LYS A 212 26.93 -3.91 -2.87
C LYS A 212 27.42 -3.03 -1.72
N LEU A 213 26.48 -2.47 -0.96
CA LEU A 213 26.82 -1.60 0.18
C LEU A 213 27.04 -2.38 1.47
N ARG A 214 26.63 -3.65 1.50
CA ARG A 214 26.69 -4.47 2.72
C ARG A 214 28.00 -5.23 2.87
N LEU A 215 28.41 -5.42 4.12
CA LEU A 215 29.62 -6.17 4.47
C LEU A 215 29.36 -7.68 4.50
N PHE A 216 28.12 -8.05 4.78
CA PHE A 216 27.71 -9.45 4.97
C PHE A 216 28.39 -10.15 6.16
N LYS A 217 28.85 -9.35 7.11
CA LYS A 217 29.26 -9.84 8.41
C LYS A 217 28.60 -8.96 9.46
N ASP A 218 28.00 -9.61 10.47
CA ASP A 218 27.41 -8.92 11.64
C ASP A 218 26.34 -7.87 11.30
N GLY A 219 25.72 -8.01 10.14
CA GLY A 219 24.65 -7.13 9.70
C GLY A 219 25.11 -5.78 9.16
N LYS A 220 26.43 -5.60 9.04
CA LYS A 220 26.98 -4.25 8.88
C LYS A 220 27.02 -3.78 7.43
N LEU A 221 27.15 -2.46 7.29
CA LEU A 221 27.44 -1.82 6.01
C LEU A 221 28.95 -1.67 5.86
N LYS A 222 29.44 -1.78 4.62
CA LYS A 222 30.84 -1.55 4.32
C LYS A 222 31.26 -0.12 4.65
N TYR A 223 32.54 0.05 4.93
CA TYR A 223 33.11 1.36 5.24
C TYR A 223 34.60 1.33 4.94
N GLN A 224 35.22 2.50 4.97
CA GLN A 224 36.67 2.61 4.95
C GLN A 224 37.10 3.41 6.16
N VAL A 225 38.39 3.32 6.49
CA VAL A 225 38.93 4.05 7.62
C VAL A 225 40.06 4.94 7.11
N ILE A 226 39.86 6.25 7.21
CA ILE A 226 40.82 7.23 6.73
C ILE A 226 41.23 8.11 7.90
N GLY A 227 42.52 8.13 8.22
CA GLY A 227 43.03 8.84 9.38
C GLY A 227 42.39 8.34 10.68
N GLY A 228 42.11 7.04 10.74
CA GLY A 228 41.47 6.43 11.90
C GLY A 228 39.98 6.67 12.04
N GLU A 229 39.36 7.32 11.06
CA GLU A 229 37.94 7.69 11.11
C GLU A 229 37.14 6.91 10.08
N VAL A 230 35.94 6.49 10.46
CA VAL A 230 35.05 5.73 9.58
C VAL A 230 34.29 6.62 8.59
N TYR A 231 34.40 6.27 7.31
CA TYR A 231 33.68 6.93 6.24
C TYR A 231 33.04 5.90 5.34
N PRO A 232 32.08 6.32 4.49
CA PRO A 232 31.52 5.38 3.54
C PRO A 232 32.60 4.81 2.62
N PRO A 233 32.36 3.60 2.07
CA PRO A 233 33.33 3.00 1.17
C PRO A 233 33.37 3.72 -0.17
N THR A 234 34.31 3.35 -1.03
CA THR A 234 34.46 4.01 -2.32
C THR A 234 33.60 3.36 -3.40
N VAL A 235 33.39 4.13 -4.46
CA VAL A 235 32.75 3.62 -5.68
C VAL A 235 33.55 2.47 -6.27
N LYS A 236 34.87 2.60 -6.28
CA LYS A 236 35.72 1.55 -6.85
C LYS A 236 35.60 0.23 -6.08
N ASP A 237 35.57 0.31 -4.76
CA ASP A 237 35.50 -0.86 -3.90
C ASP A 237 34.13 -1.56 -4.00
N THR A 238 33.06 -0.78 -4.02
CA THR A 238 31.70 -1.30 -3.98
C THR A 238 31.05 -1.54 -5.35
N GLN A 239 31.52 -0.85 -6.38
CA GLN A 239 30.85 -0.82 -7.69
C GLN A 239 29.46 -0.19 -7.68
N VAL A 240 29.13 0.61 -6.66
CA VAL A 240 27.82 1.30 -6.66
C VAL A 240 27.94 2.61 -7.43
N GLU A 241 26.95 2.87 -8.28
CA GLU A 241 26.91 4.09 -9.08
C GLU A 241 26.69 5.30 -8.16
N MET A 242 27.50 6.34 -8.35
CA MET A 242 27.31 7.64 -7.70
C MET A 242 27.49 8.75 -8.74
N ILE A 243 26.88 9.90 -8.51
CA ILE A 243 27.10 11.06 -9.37
C ILE A 243 28.29 11.87 -8.86
N TYR A 244 29.38 11.87 -9.63
CA TYR A 244 30.57 12.66 -9.33
C TYR A 244 31.20 13.13 -10.64
N PRO A 245 31.72 14.37 -10.66
CA PRO A 245 32.60 14.78 -11.77
C PRO A 245 33.76 13.78 -11.91
N PRO A 246 34.25 13.56 -13.15
CA PRO A 246 35.26 12.52 -13.36
C PRO A 246 36.61 12.74 -12.66
N HIS A 247 36.89 13.96 -12.23
CA HIS A 247 38.19 14.30 -11.63
C HIS A 247 38.28 14.07 -10.12
N ILE A 248 37.16 13.70 -9.47
CA ILE A 248 37.18 13.47 -8.02
C ILE A 248 38.10 12.29 -7.70
N PRO A 249 39.05 12.48 -6.76
CA PRO A 249 39.95 11.38 -6.36
C PRO A 249 39.22 10.11 -5.93
N GLU A 250 39.81 8.97 -6.24
CA GLU A 250 39.18 7.66 -5.99
C GLU A 250 38.64 7.53 -4.56
N ASN A 251 39.47 7.83 -3.56
CA ASN A 251 39.05 7.64 -2.17
C ASN A 251 37.99 8.65 -1.71
N LEU A 252 37.83 9.75 -2.44
CA LEU A 252 36.77 10.73 -2.12
C LEU A 252 35.47 10.49 -2.88
N GLN A 253 35.42 9.48 -3.75
CA GLN A 253 34.14 9.08 -4.33
C GLN A 253 33.41 8.14 -3.37
N PHE A 254 32.84 8.72 -2.31
CA PHE A 254 32.13 7.95 -1.31
C PHE A 254 30.86 7.38 -1.92
N ALA A 255 30.57 6.13 -1.57
CA ALA A 255 29.39 5.43 -2.07
C ALA A 255 28.40 5.23 -0.92
N VAL A 256 27.19 5.75 -1.10
CA VAL A 256 26.12 5.65 -0.12
C VAL A 256 24.80 5.33 -0.84
N GLY A 257 23.73 5.12 -0.07
CA GLY A 257 22.46 4.67 -0.61
C GLY A 257 21.91 5.57 -1.70
N GLN A 258 22.02 6.88 -1.49
CA GLN A 258 21.49 7.89 -2.41
C GLN A 258 22.60 8.37 -3.34
N GLU A 259 22.41 8.13 -4.65
CA GLU A 259 23.43 8.44 -5.66
C GLU A 259 23.81 9.92 -5.79
N VAL A 260 22.95 10.83 -5.28
CA VAL A 260 23.22 12.26 -5.39
C VAL A 260 23.97 12.86 -4.19
N PHE A 261 24.25 12.06 -3.16
CA PHE A 261 24.71 12.62 -1.87
C PHE A 261 26.18 13.09 -1.85
N GLY A 262 26.91 12.86 -2.93
CA GLY A 262 28.21 13.49 -3.13
C GLY A 262 28.13 14.96 -3.51
N LEU A 263 26.92 15.45 -3.79
CA LEU A 263 26.67 16.84 -4.18
C LEU A 263 27.28 17.86 -3.22
N VAL A 264 27.04 17.67 -1.92
CA VAL A 264 27.61 18.57 -0.91
C VAL A 264 28.07 17.80 0.33
N PRO A 265 29.16 18.26 0.95
CA PRO A 265 29.70 17.66 2.16
C PRO A 265 28.72 17.59 3.32
N GLY A 266 27.76 18.53 3.36
CA GLY A 266 26.71 18.49 4.37
C GLY A 266 25.86 17.24 4.30
N LEU A 267 25.56 16.77 3.09
CA LEU A 267 24.85 15.51 2.89
C LEU A 267 25.72 14.32 3.27
N MET A 268 26.99 14.37 2.89
CA MET A 268 27.91 13.28 3.23
C MET A 268 28.19 13.22 4.74
N MET A 269 28.08 14.35 5.42
CA MET A 269 28.18 14.38 6.89
C MET A 269 27.11 13.49 7.50
N TYR A 270 25.84 13.71 7.13
CA TYR A 270 24.75 12.90 7.65
C TYR A 270 24.81 11.46 7.15
N ALA A 271 25.25 11.25 5.91
CA ALA A 271 25.38 9.89 5.38
C ALA A 271 26.38 9.10 6.23
N THR A 272 27.46 9.76 6.62
CA THR A 272 28.50 9.12 7.44
C THR A 272 27.99 8.84 8.84
N ILE A 273 27.27 9.80 9.42
CA ILE A 273 26.72 9.62 10.76
C ILE A 273 25.76 8.43 10.81
N TRP A 274 24.85 8.34 9.83
CA TRP A 274 23.87 7.25 9.79
C TRP A 274 24.51 5.89 9.51
N LEU A 275 25.52 5.86 8.65
CA LEU A 275 26.31 4.65 8.40
C LEU A 275 26.92 4.13 9.71
N ARG A 276 27.55 5.03 10.46
CA ARG A 276 28.11 4.67 11.75
C ARG A 276 27.03 4.17 12.70
N GLU A 277 25.88 4.84 12.69
CA GLU A 277 24.75 4.45 13.56
C GLU A 277 24.24 3.05 13.24
N HIS A 278 24.14 2.72 11.95
CA HIS A 278 23.71 1.38 11.56
C HIS A 278 24.65 0.35 12.16
N ASN A 279 25.95 0.57 11.99
CA ASN A 279 26.93 -0.40 12.47
C ASN A 279 27.01 -0.45 14.00
N ARG A 280 26.73 0.68 14.64
CA ARG A 280 26.65 0.74 16.10
C ARG A 280 25.47 -0.11 16.61
N VAL A 281 24.33 0.01 15.94
CA VAL A 281 23.16 -0.79 16.29
C VAL A 281 23.42 -2.28 16.04
N CYS A 282 24.13 -2.60 14.97
CA CYS A 282 24.54 -3.99 14.70
C CYS A 282 25.33 -4.56 15.87
N ASP A 283 26.26 -3.78 16.42
CA ASP A 283 27.06 -4.23 17.56
C ASP A 283 26.17 -4.51 18.77
N ILE A 284 25.21 -3.62 19.02
CA ILE A 284 24.29 -3.77 20.15
C ILE A 284 23.45 -5.04 20.01
N LEU A 285 22.90 -5.26 18.82
CA LEU A 285 22.05 -6.43 18.58
C LEU A 285 22.86 -7.73 18.62
N LYS A 286 24.11 -7.68 18.18
CA LYS A 286 24.97 -8.86 18.23
C LYS A 286 25.24 -9.29 19.68
N GLN A 287 25.45 -8.30 20.56
CA GLN A 287 25.62 -8.54 21.98
C GLN A 287 24.35 -9.18 22.58
N GLU A 288 23.20 -8.66 22.19
N GLU A 288 23.19 -8.65 22.20
CA GLU A 288 21.91 -9.17 22.67
CA GLU A 288 21.91 -9.19 22.69
C GLU A 288 21.54 -10.51 22.04
C GLU A 288 21.58 -10.55 22.07
N HIS A 289 21.99 -10.75 20.82
CA HIS A 289 21.65 -11.96 20.06
C HIS A 289 22.88 -12.59 19.41
N PRO A 290 23.72 -13.28 20.22
CA PRO A 290 24.87 -13.98 19.62
C PRO A 290 24.46 -15.08 18.64
N GLU A 291 23.21 -15.53 18.76
CA GLU A 291 22.65 -16.59 17.90
C GLU A 291 22.16 -16.10 16.53
N TRP A 292 22.04 -14.79 16.35
CA TRP A 292 21.54 -14.22 15.10
C TRP A 292 22.60 -14.19 14.00
N GLY A 293 22.14 -14.29 12.75
CA GLY A 293 23.01 -14.20 11.58
C GLY A 293 23.04 -12.80 11.00
N ASP A 294 23.92 -12.61 10.01
CA ASP A 294 24.08 -11.31 9.34
C ASP A 294 22.77 -10.73 8.80
N GLU A 295 21.95 -11.56 8.14
CA GLU A 295 20.73 -11.03 7.53
C GLU A 295 19.78 -10.43 8.58
N GLN A 296 19.53 -11.16 9.67
CA GLN A 296 18.60 -10.65 10.70
C GLN A 296 19.17 -9.43 11.41
N LEU A 297 20.49 -9.44 11.65
CA LEU A 297 21.16 -8.27 12.20
C LEU A 297 20.97 -7.05 11.30
N PHE A 298 21.19 -7.24 10.00
CA PHE A 298 21.03 -6.14 9.05
C PHE A 298 19.60 -5.61 9.04
N GLN A 299 18.64 -6.52 8.89
CA GLN A 299 17.23 -6.13 8.72
C GLN A 299 16.69 -5.46 9.97
N THR A 300 17.03 -6.02 11.13
CA THR A 300 16.54 -5.49 12.39
C THR A 300 17.15 -4.10 12.68
N SER A 301 18.43 -3.94 12.36
CA SER A 301 19.06 -2.62 12.48
C SER A 301 18.38 -1.59 11.59
N ARG A 302 18.05 -1.97 10.35
CA ARG A 302 17.32 -1.07 9.45
C ARG A 302 15.99 -0.63 10.06
N LEU A 303 15.22 -1.57 10.63
CA LEU A 303 13.94 -1.20 11.23
C LEU A 303 14.12 -0.25 12.42
N ILE A 304 15.16 -0.48 13.22
CA ILE A 304 15.51 0.41 14.33
C ILE A 304 15.87 1.81 13.83
N LEU A 305 16.72 1.90 12.80
CA LEU A 305 17.08 3.21 12.23
C LEU A 305 15.88 3.94 11.62
N ILE A 306 14.95 3.21 11.02
CA ILE A 306 13.71 3.83 10.55
C ILE A 306 12.98 4.47 11.74
N GLY A 307 12.88 3.72 12.83
CA GLY A 307 12.23 4.24 14.04
C GLY A 307 12.94 5.45 14.63
N GLU A 308 14.27 5.36 14.71
CA GLU A 308 15.08 6.50 15.17
C GLU A 308 14.85 7.74 14.34
N THR A 309 14.78 7.57 13.01
CA THR A 309 14.55 8.67 12.10
C THR A 309 13.20 9.35 12.36
N ILE A 310 12.14 8.56 12.48
CA ILE A 310 10.80 9.12 12.71
C ILE A 310 10.76 9.84 14.07
N LYS A 311 11.36 9.23 15.09
CA LYS A 311 11.45 9.83 16.42
C LYS A 311 12.13 11.20 16.37
N ILE A 312 13.29 11.27 15.72
CA ILE A 312 14.06 12.50 15.64
C ILE A 312 13.33 13.54 14.80
N VAL A 313 12.72 13.09 13.70
CA VAL A 313 12.00 14.01 12.83
C VAL A 313 10.86 14.69 13.58
N ILE A 314 10.10 13.95 14.38
CA ILE A 314 8.98 14.54 15.10
C ILE A 314 9.44 15.38 16.30
N GLU A 315 10.23 14.78 17.18
CA GLU A 315 10.54 15.37 18.48
C GLU A 315 11.70 16.38 18.50
N ASP A 316 12.54 16.38 17.47
CA ASP A 316 13.61 17.38 17.34
C ASP A 316 13.40 18.33 16.16
N TYR A 317 13.21 17.75 14.98
CA TYR A 317 13.20 18.52 13.72
C TYR A 317 11.90 19.29 13.56
N VAL A 318 10.77 18.59 13.54
CA VAL A 318 9.45 19.23 13.49
C VAL A 318 9.21 20.10 14.73
N GLN A 319 9.60 19.61 15.90
CA GLN A 319 9.49 20.40 17.12
C GLN A 319 10.13 21.77 16.92
N HIS A 320 11.35 21.79 16.41
CA HIS A 320 12.05 23.06 16.18
C HIS A 320 11.31 23.95 15.18
N LEU A 321 11.05 23.43 13.98
CA LEU A 321 10.50 24.27 12.93
C LEU A 321 9.07 24.74 13.25
N SER A 322 8.35 23.98 14.07
CA SER A 322 6.99 24.36 14.47
C SER A 322 6.99 25.63 15.31
N GLY A 323 7.99 25.76 16.16
CA GLY A 323 8.08 26.84 17.13
C GLY A 323 7.12 26.70 18.30
N TYR A 324 6.50 25.53 18.47
CA TYR A 324 5.48 25.36 19.50
C TYR A 324 6.10 25.13 20.85
N HIS A 325 5.44 25.62 21.90
CA HIS A 325 5.82 25.34 23.28
C HIS A 325 5.31 23.96 23.71
N PHE A 326 4.29 23.46 23.01
CA PHE A 326 3.81 22.10 23.22
C PHE A 326 4.87 21.09 22.78
N LYS A 327 5.06 20.06 23.60
CA LYS A 327 6.10 19.07 23.36
C LYS A 327 5.52 17.91 22.55
N LEU A 328 5.83 17.91 21.25
CA LEU A 328 5.36 16.87 20.35
C LEU A 328 5.88 15.51 20.77
N LYS A 329 5.21 14.45 20.31
CA LYS A 329 5.52 13.09 20.75
C LYS A 329 5.44 12.13 19.58
N PHE A 330 6.44 11.27 19.45
CA PHE A 330 6.34 10.12 18.56
C PHE A 330 5.83 8.94 19.39
N ASP A 331 4.58 8.57 19.14
CA ASP A 331 3.93 7.50 19.88
C ASP A 331 2.85 6.87 19.03
N PRO A 332 3.23 5.83 18.26
CA PRO A 332 2.26 5.12 17.42
C PRO A 332 0.99 4.70 18.15
N GLU A 333 1.08 4.41 19.45
CA GLU A 333 -0.10 3.95 20.21
C GLU A 333 -1.25 4.96 20.21
N LEU A 334 -0.94 6.24 20.01
CA LEU A 334 -1.97 7.29 19.95
C LEU A 334 -3.01 7.05 18.86
N LEU A 335 -2.63 6.34 17.79
CA LEU A 335 -3.52 6.12 16.66
C LEU A 335 -4.26 4.78 16.71
N PHE A 336 -3.94 3.92 17.68
CA PHE A 336 -4.50 2.55 17.69
C PHE A 336 -6.01 2.50 17.90
N ASN A 337 -6.60 3.52 18.53
CA ASN A 337 -8.06 3.58 18.66
C ASN A 337 -8.69 4.59 17.69
N GLN A 338 -7.95 4.98 16.66
CA GLN A 338 -8.41 5.95 15.66
C GLN A 338 -8.46 5.32 14.29
N GLN A 339 -9.28 5.89 13.41
CA GLN A 339 -9.27 5.53 12.00
C GLN A 339 -8.06 6.18 11.34
N PHE A 340 -7.19 5.36 10.76
CA PHE A 340 -5.95 5.84 10.17
C PHE A 340 -5.43 4.78 9.21
N GLN A 341 -4.98 5.23 8.03
CA GLN A 341 -4.46 4.33 7.00
C GLN A 341 -2.93 4.29 7.06
N TYR A 342 -2.39 3.11 7.35
CA TYR A 342 -0.94 2.92 7.38
C TYR A 342 -0.40 2.70 5.97
N GLN A 343 -0.42 3.78 5.21
CA GLN A 343 0.15 3.82 3.86
C GLN A 343 0.36 5.28 3.51
N ASN A 344 1.18 5.54 2.50
CA ASN A 344 1.44 6.89 2.04
C ASN A 344 1.91 6.89 0.60
N ARG A 345 1.51 7.90 -0.16
CA ARG A 345 2.03 8.14 -1.51
C ARG A 345 2.52 9.59 -1.51
N ILE A 346 3.75 9.80 -1.98
CA ILE A 346 4.38 11.12 -1.93
C ILE A 346 3.75 12.05 -2.96
N ALA A 347 3.33 13.23 -2.50
CA ALA A 347 2.68 14.20 -3.36
C ALA A 347 3.68 15.15 -4.02
N SER A 348 3.43 15.45 -5.30
CA SER A 348 4.24 16.39 -6.05
C SER A 348 4.32 17.75 -5.35
N GLU A 349 3.20 18.20 -4.80
CA GLU A 349 3.14 19.51 -4.16
C GLU A 349 3.96 19.54 -2.86
N PHE A 350 4.07 18.40 -2.20
CA PHE A 350 4.92 18.25 -1.02
C PHE A 350 6.39 18.41 -1.43
N ASN A 351 6.77 17.78 -2.53
CA ASN A 351 8.09 18.00 -3.12
C ASN A 351 8.32 19.48 -3.39
N THR A 352 7.40 20.10 -4.10
CA THR A 352 7.54 21.51 -4.49
C THR A 352 7.69 22.44 -3.27
N LEU A 353 6.82 22.28 -2.28
CA LEU A 353 6.84 23.18 -1.13
C LEU A 353 8.11 23.03 -0.29
N TYR A 354 8.75 21.86 -0.39
CA TYR A 354 9.98 21.57 0.39
C TYR A 354 11.27 22.06 -0.29
N HIS A 355 11.17 22.82 -1.38
CA HIS A 355 12.35 23.44 -2.00
C HIS A 355 12.76 24.67 -1.18
N TRP A 356 13.39 24.41 -0.03
CA TRP A 356 13.67 25.45 0.96
C TRP A 356 15.06 26.07 0.74
N HIS A 357 15.33 26.48 -0.48
CA HIS A 357 16.66 26.97 -0.83
C HIS A 357 17.09 28.27 -0.12
N PRO A 358 16.13 29.08 0.37
CA PRO A 358 16.56 30.22 1.17
C PRO A 358 17.30 29.88 2.45
N LEU A 359 17.15 28.66 2.96
CA LEU A 359 17.93 28.22 4.13
C LEU A 359 19.43 28.39 3.91
N LEU A 360 19.86 28.22 2.66
CA LEU A 360 21.28 28.19 2.33
C LEU A 360 21.96 29.52 2.57
N PRO A 361 23.14 29.49 3.21
CA PRO A 361 23.90 30.71 3.48
C PRO A 361 24.63 31.20 2.23
N ASP A 362 25.25 32.38 2.33
CA ASP A 362 26.08 32.92 1.26
C ASP A 362 27.38 32.14 1.13
N THR A 363 27.93 31.73 2.27
CA THR A 363 29.13 30.88 2.34
C THR A 363 28.93 29.81 3.41
N PHE A 364 29.69 28.73 3.30
CA PHE A 364 29.63 27.63 4.27
C PHE A 364 30.84 27.73 5.20
N ASN A 365 30.57 28.01 6.48
CA ASN A 365 31.60 28.43 7.42
C ASN A 365 32.03 27.28 8.32
N ILE A 366 33.18 26.69 8.02
CA ILE A 366 33.68 25.54 8.78
C ILE A 366 35.01 25.91 9.41
N GLU A 367 35.06 25.79 10.74
CA GLU A 367 36.24 26.20 11.50
C GLU A 367 36.54 27.67 11.16
N ASP A 368 37.71 27.97 10.61
CA ASP A 368 38.09 29.34 10.25
C ASP A 368 37.95 29.62 8.74
N GLN A 369 37.35 28.69 8.00
CA GLN A 369 37.18 28.83 6.55
C GLN A 369 35.76 29.23 6.19
N GLU A 370 35.62 29.96 5.09
CA GLU A 370 34.31 30.35 4.56
C GLU A 370 34.27 29.94 3.10
N TYR A 371 33.66 28.79 2.83
CA TYR A 371 33.63 28.22 1.49
C TYR A 371 32.50 28.77 0.65
N SER A 372 32.82 29.14 -0.59
CA SER A 372 31.80 29.51 -1.56
C SER A 372 31.06 28.26 -2.03
N PHE A 373 29.92 28.46 -2.68
CA PHE A 373 29.19 27.35 -3.30
C PHE A 373 30.08 26.57 -4.27
N LYS A 374 30.84 27.29 -5.09
CA LYS A 374 31.76 26.69 -6.04
C LYS A 374 32.78 25.76 -5.35
N GLN A 375 33.30 26.19 -4.21
CA GLN A 375 34.28 25.40 -3.45
C GLN A 375 33.65 24.24 -2.68
N PHE A 376 32.38 24.38 -2.31
CA PHE A 376 31.70 23.42 -1.45
C PHE A 376 31.18 22.23 -2.27
N LEU A 377 30.68 22.50 -3.48
CA LEU A 377 30.01 21.48 -4.30
C LEU A 377 30.95 20.35 -4.75
N TYR A 378 30.48 19.11 -4.57
CA TYR A 378 31.22 17.90 -4.92
C TYR A 378 32.63 17.86 -4.32
N ASN A 379 32.76 18.33 -3.09
CA ASN A 379 34.07 18.47 -2.47
C ASN A 379 34.14 17.80 -1.10
N ASN A 380 34.22 16.47 -1.12
CA ASN A 380 34.34 15.68 0.09
C ASN A 380 35.69 15.86 0.81
N SER A 381 36.67 16.44 0.13
CA SER A 381 37.96 16.73 0.77
C SER A 381 37.77 17.68 1.98
N ILE A 382 36.76 18.55 1.91
CA ILE A 382 36.43 19.45 3.01
C ILE A 382 36.03 18.65 4.26
N LEU A 383 35.22 17.62 4.07
CA LEU A 383 34.80 16.75 5.17
C LEU A 383 36.00 16.04 5.78
N LEU A 384 36.86 15.46 4.94
CA LEU A 384 38.07 14.81 5.42
C LEU A 384 39.04 15.76 6.12
N GLU A 385 39.15 16.99 5.58
CA GLU A 385 40.08 17.99 6.11
C GLU A 385 39.73 18.42 7.54
N HIS A 386 38.45 18.75 7.75
CA HIS A 386 38.00 19.27 9.05
C HIS A 386 37.53 18.17 10.02
N GLY A 387 36.93 17.11 9.49
CA GLY A 387 36.39 16.03 10.31
C GLY A 387 34.95 16.28 10.75
N LEU A 388 34.26 15.22 11.16
CA LEU A 388 32.85 15.32 11.54
C LEU A 388 32.62 16.19 12.76
N THR A 389 33.52 16.08 13.74
CA THR A 389 33.40 16.85 14.98
C THR A 389 33.35 18.34 14.65
N GLN A 390 34.28 18.81 13.83
CA GLN A 390 34.32 20.22 13.43
C GLN A 390 33.11 20.62 12.56
N PHE A 391 32.70 19.72 11.67
CA PHE A 391 31.48 19.96 10.87
C PHE A 391 30.29 20.21 11.78
N VAL A 392 30.09 19.32 12.75
CA VAL A 392 28.98 19.45 13.68
C VAL A 392 29.08 20.75 14.49
N GLU A 393 30.25 21.02 15.06
CA GLU A 393 30.45 22.25 15.84
C GLU A 393 30.18 23.50 15.02
N SER A 394 30.68 23.53 13.79
CA SER A 394 30.53 24.68 12.90
C SER A 394 29.09 24.86 12.40
N PHE A 395 28.48 23.77 11.93
CA PHE A 395 27.15 23.87 11.40
C PHE A 395 26.09 24.08 12.48
N THR A 396 26.40 23.69 13.71
CA THR A 396 25.51 23.98 14.83
C THR A 396 25.47 25.49 15.11
N ARG A 397 26.60 26.15 14.87
CA ARG A 397 26.75 27.60 15.10
C ARG A 397 26.29 28.49 13.94
N GLN A 398 26.26 27.96 12.72
CA GLN A 398 25.95 28.81 11.57
C GLN A 398 24.46 28.90 11.31
N ILE A 399 23.96 30.13 11.29
CA ILE A 399 22.53 30.38 11.09
C ILE A 399 22.13 30.19 9.63
N ALA A 400 20.92 29.66 9.44
CA ALA A 400 20.33 29.45 8.12
C ALA A 400 19.43 30.64 7.77
N GLY A 401 19.07 30.74 6.50
CA GLY A 401 18.22 31.83 6.03
C GLY A 401 16.73 31.61 6.23
N ARG A 402 16.00 32.72 6.27
CA ARG A 402 14.54 32.70 6.37
CA ARG A 402 14.54 32.71 6.37
C ARG A 402 13.93 32.25 5.05
N VAL A 403 12.92 31.40 5.11
CA VAL A 403 12.31 30.82 3.92
C VAL A 403 11.15 31.67 3.37
N ALA A 404 10.23 32.06 4.24
CA ALA A 404 9.17 33.00 3.87
C ALA A 404 9.71 34.42 3.89
N GLY A 405 8.89 35.39 3.49
CA GLY A 405 9.25 36.81 3.60
C GLY A 405 9.90 37.44 2.39
N GLY A 406 10.27 36.61 1.40
CA GLY A 406 10.72 37.10 0.09
C GLY A 406 12.22 37.36 -0.02
N ARG A 407 12.68 37.40 -1.28
CA ARG A 407 14.02 37.86 -1.63
C ARG A 407 15.13 37.25 -0.77
N ASN A 408 15.15 35.93 -0.68
CA ASN A 408 16.20 35.27 0.10
C ASN A 408 16.74 33.98 -0.53
N VAL A 409 16.50 33.75 -1.82
CA VAL A 409 17.10 32.63 -2.54
C VAL A 409 18.50 33.03 -3.01
N PRO A 410 19.55 32.33 -2.55
CA PRO A 410 20.89 32.70 -2.99
C PRO A 410 21.05 32.55 -4.50
N ILE A 411 21.71 33.50 -5.16
CA ILE A 411 21.82 33.48 -6.62
C ILE A 411 22.53 32.21 -7.13
N ALA A 412 23.39 31.63 -6.31
CA ALA A 412 24.11 30.39 -6.67
C ALA A 412 23.16 29.25 -7.08
N VAL A 413 21.96 29.23 -6.52
CA VAL A 413 20.97 28.19 -6.86
C VAL A 413 19.75 28.77 -7.59
N GLN A 414 19.94 29.88 -8.30
CA GLN A 414 18.83 30.51 -9.00
C GLN A 414 18.18 29.60 -10.05
N ALA A 415 18.99 28.79 -10.72
CA ALA A 415 18.49 27.89 -11.77
C ALA A 415 17.56 26.81 -11.19
N VAL A 416 17.87 26.35 -9.98
CA VAL A 416 17.04 25.36 -9.28
C VAL A 416 15.70 25.97 -8.88
N ALA A 417 15.75 27.19 -8.36
CA ALA A 417 14.53 27.91 -8.00
C ALA A 417 13.66 28.19 -9.22
N LYS A 418 14.28 28.60 -10.33
CA LYS A 418 13.53 28.83 -11.56
C LYS A 418 12.90 27.53 -12.07
N ALA A 419 13.64 26.42 -11.95
CA ALA A 419 13.13 25.10 -12.33
C ALA A 419 11.89 24.71 -11.51
N SER A 420 11.88 25.07 -10.23
CA SER A 420 10.72 24.81 -9.37
C SER A 420 9.47 25.49 -9.92
N ILE A 421 9.62 26.72 -10.41
CA ILE A 421 8.52 27.45 -11.01
C ILE A 421 8.12 26.82 -12.34
N ASP A 422 9.09 26.61 -13.21
CA ASP A 422 8.81 26.08 -14.56
C ASP A 422 8.18 24.69 -14.51
N GLN A 423 8.67 23.84 -13.61
CA GLN A 423 8.14 22.47 -13.53
C GLN A 423 6.74 22.41 -12.91
N SER A 424 6.43 23.31 -11.97
CA SER A 424 5.06 23.47 -11.48
C SER A 424 4.09 23.74 -12.62
N ARG A 425 4.51 24.61 -13.54
CA ARG A 425 3.69 24.99 -14.68
C ARG A 425 3.55 23.81 -15.65
N GLU A 426 4.66 23.13 -15.90
CA GLU A 426 4.66 21.96 -16.78
C GLU A 426 3.71 20.89 -16.26
N MET A 427 3.67 20.74 -14.94
CA MET A 427 2.79 19.77 -14.27
C MET A 427 1.36 20.31 -14.07
N LYS A 428 1.07 21.48 -14.63
CA LYS A 428 -0.27 22.09 -14.61
C LYS A 428 -0.85 22.24 -13.20
N TYR A 429 -0.04 22.75 -12.28
CA TYR A 429 -0.52 23.05 -10.93
C TYR A 429 -1.61 24.12 -10.98
N GLN A 430 -2.66 23.91 -10.19
CA GLN A 430 -3.62 24.95 -9.90
C GLN A 430 -2.96 26.06 -9.08
N SER A 431 -3.70 27.15 -8.86
CA SER A 431 -3.16 28.34 -8.24
C SER A 431 -3.00 28.22 -6.73
N LEU A 432 -2.26 29.17 -6.17
CA LEU A 432 -2.09 29.32 -4.72
C LEU A 432 -3.44 29.25 -4.00
N ASN A 433 -4.39 30.06 -4.46
CA ASN A 433 -5.69 30.14 -3.78
C ASN A 433 -6.52 28.86 -3.87
N GLU A 434 -6.39 28.13 -4.98
CA GLU A 434 -7.01 26.80 -5.05
C GLU A 434 -6.38 25.86 -4.01
N TYR A 435 -5.06 25.91 -3.88
CA TYR A 435 -4.38 25.11 -2.86
C TYR A 435 -4.72 25.54 -1.44
N ARG A 436 -4.86 26.85 -1.22
CA ARG A 436 -5.30 27.33 0.08
C ARG A 436 -6.68 26.76 0.44
N LYS A 437 -7.63 26.86 -0.49
CA LYS A 437 -8.96 26.28 -0.27
C LYS A 437 -8.92 24.78 0.02
N ARG A 438 -8.08 24.07 -0.71
CA ARG A 438 -7.89 22.62 -0.55
C ARG A 438 -7.47 22.24 0.88
N PHE A 439 -6.71 23.12 1.53
CA PHE A 439 -6.26 22.90 2.90
C PHE A 439 -6.97 23.80 3.93
N SER A 440 -8.21 24.17 3.62
CA SER A 440 -9.10 24.85 4.55
C SER A 440 -8.65 26.25 4.95
N LEU A 441 -7.95 26.92 4.04
CA LEU A 441 -7.47 28.28 4.26
C LEU A 441 -8.30 29.25 3.43
N LYS A 442 -8.41 30.47 3.90
CA LYS A 442 -9.14 31.52 3.19
C LYS A 442 -8.31 32.02 2.02
N PRO A 443 -8.91 32.13 0.82
CA PRO A 443 -8.15 32.71 -0.29
C PRO A 443 -7.66 34.12 0.00
N TYR A 444 -6.44 34.44 -0.44
CA TYR A 444 -5.94 35.81 -0.35
C TYR A 444 -6.72 36.70 -1.32
N THR A 445 -7.04 37.91 -0.86
CA THR A 445 -7.83 38.87 -1.64
C THR A 445 -6.97 39.94 -2.34
N SER A 446 -5.69 39.99 -1.99
CA SER A 446 -4.75 40.89 -2.66
C SER A 446 -3.32 40.40 -2.52
N PHE A 447 -2.42 40.97 -3.32
CA PHE A 447 -1.00 40.64 -3.21
C PHE A 447 -0.40 41.22 -1.93
N GLU A 448 -0.89 42.39 -1.50
CA GLU A 448 -0.46 42.96 -0.22
C GLU A 448 -0.84 42.09 0.98
N GLU A 449 -2.01 41.44 0.92
CA GLU A 449 -2.38 40.50 1.98
C GLU A 449 -1.43 39.31 2.04
N LEU A 450 -1.07 38.78 0.87
CA LEU A 450 -0.10 37.68 0.75
C LEU A 450 1.25 38.01 1.41
N THR A 451 1.83 39.14 1.04
CA THR A 451 3.20 39.47 1.46
C THR A 451 3.27 40.24 2.78
N GLY A 452 2.19 40.95 3.13
CA GLY A 452 2.20 41.82 4.31
C GLY A 452 3.05 43.08 4.13
N GLU A 453 3.35 43.41 2.88
CA GLU A 453 4.14 44.61 2.56
C GLU A 453 3.69 45.18 1.22
N LYS A 454 4.39 46.20 0.72
CA LYS A 454 3.94 46.94 -0.46
C LYS A 454 4.77 46.68 -1.70
N GLU A 455 6.10 46.64 -1.56
CA GLU A 455 7.00 46.66 -2.72
C GLU A 455 6.93 45.39 -3.56
N MET A 456 7.18 44.23 -2.94
CA MET A 456 7.07 42.96 -3.64
C MET A 456 5.65 42.72 -4.14
N ALA A 457 4.67 43.14 -3.35
CA ALA A 457 3.26 42.99 -3.72
C ALA A 457 2.94 43.72 -5.03
N ALA A 458 3.49 44.93 -5.17
CA ALA A 458 3.27 45.73 -6.37
C ALA A 458 3.92 45.10 -7.60
N GLU A 459 5.13 44.56 -7.44
CA GLU A 459 5.80 43.87 -8.54
C GLU A 459 5.01 42.63 -8.95
N LEU A 460 4.51 41.89 -7.95
CA LEU A 460 3.70 40.70 -8.23
C LEU A 460 2.38 41.03 -8.92
N LYS A 461 1.72 42.09 -8.47
CA LYS A 461 0.47 42.52 -9.10
C LYS A 461 0.68 42.90 -10.57
N ALA A 462 1.80 43.56 -10.87
CA ALA A 462 2.10 43.93 -12.25
C ALA A 462 2.38 42.69 -13.11
N LEU A 463 3.02 41.68 -12.53
CA LEU A 463 3.31 40.45 -13.26
C LEU A 463 2.09 39.55 -13.46
N TYR A 464 1.31 39.35 -12.40
CA TYR A 464 0.21 38.36 -12.38
C TYR A 464 -1.18 38.94 -12.61
N SER A 465 -1.37 40.23 -12.30
CA SER A 465 -2.66 40.94 -12.46
C SER A 465 -3.74 40.55 -11.44
N ASP A 466 -4.00 39.26 -11.33
CA ASP A 466 -5.06 38.72 -10.47
C ASP A 466 -4.45 37.82 -9.38
N ILE A 467 -4.77 38.12 -8.12
CA ILE A 467 -4.32 37.31 -6.98
C ILE A 467 -4.74 35.85 -7.10
N ASP A 468 -5.88 35.59 -7.75
CA ASP A 468 -6.37 34.23 -7.95
C ASP A 468 -5.56 33.43 -8.99
N VAL A 469 -4.58 34.06 -9.63
CA VAL A 469 -3.68 33.35 -10.55
C VAL A 469 -2.23 33.30 -10.02
N MET A 470 -1.99 33.83 -8.83
CA MET A 470 -0.69 33.69 -8.18
C MET A 470 -0.36 32.21 -8.03
N GLU A 471 0.91 31.87 -8.23
CA GLU A 471 1.38 30.48 -8.20
C GLU A 471 1.80 30.07 -6.81
N LEU A 472 1.69 28.77 -6.53
CA LEU A 472 1.97 28.23 -5.20
C LEU A 472 3.42 28.41 -4.74
N TYR A 473 4.38 27.96 -5.54
CA TYR A 473 5.79 27.97 -5.10
C TYR A 473 6.35 29.38 -4.78
N PRO A 474 6.27 30.31 -5.74
CA PRO A 474 6.78 31.65 -5.40
C PRO A 474 6.02 32.27 -4.22
N ALA A 475 4.73 31.96 -4.08
CA ALA A 475 3.92 32.47 -2.99
C ALA A 475 4.44 32.03 -1.62
N LEU A 476 4.84 30.76 -1.52
CA LEU A 476 5.37 30.21 -0.27
C LEU A 476 6.62 30.96 0.19
N LEU A 477 7.44 31.38 -0.77
CA LEU A 477 8.70 32.06 -0.48
C LEU A 477 8.56 33.58 -0.27
N VAL A 478 7.44 34.18 -0.71
CA VAL A 478 7.20 35.62 -0.48
C VAL A 478 6.14 35.89 0.59
N GLU A 479 5.51 34.84 1.11
CA GLU A 479 4.41 34.98 2.05
C GLU A 479 4.85 35.71 3.31
N LYS A 480 3.97 36.56 3.85
CA LYS A 480 4.20 37.17 5.14
C LYS A 480 4.52 36.08 6.16
N PRO A 481 5.70 36.14 6.79
CA PRO A 481 5.96 35.14 7.82
C PRO A 481 5.09 35.34 9.05
N ARG A 482 4.84 34.28 9.79
CA ARG A 482 4.32 34.43 11.15
C ARG A 482 5.33 35.27 11.95
N PRO A 483 4.88 35.90 13.05
CA PRO A 483 5.76 36.79 13.81
C PRO A 483 7.07 36.14 14.23
N ASP A 484 8.19 36.66 13.72
CA ASP A 484 9.52 36.11 13.98
C ASP A 484 9.64 34.62 13.66
N ALA A 485 8.91 34.17 12.63
CA ALA A 485 8.91 32.78 12.22
C ALA A 485 9.58 32.58 10.86
N ILE A 486 9.94 31.33 10.57
CA ILE A 486 10.61 30.99 9.31
C ILE A 486 9.63 30.88 8.15
N PHE A 487 8.36 30.56 8.45
CA PHE A 487 7.35 30.27 7.43
C PHE A 487 6.10 31.10 7.62
N GLY A 488 5.34 31.26 6.54
CA GLY A 488 3.98 31.79 6.61
C GLY A 488 2.94 30.68 6.70
N GLU A 489 1.67 31.08 6.78
CA GLU A 489 0.55 30.17 6.99
C GLU A 489 0.45 29.02 5.99
N THR A 490 0.63 29.32 4.70
CA THR A 490 0.45 28.31 3.65
C THR A 490 1.47 27.18 3.78
N MET A 491 2.73 27.51 4.09
CA MET A 491 3.75 26.47 4.24
C MET A 491 3.40 25.48 5.35
N VAL A 492 2.93 26.00 6.48
CA VAL A 492 2.63 25.14 7.62
C VAL A 492 1.39 24.29 7.36
N GLU A 493 0.34 24.91 6.85
CA GLU A 493 -0.94 24.23 6.71
C GLU A 493 -0.97 23.21 5.56
N LEU A 494 -0.05 23.35 4.61
CA LEU A 494 0.17 22.33 3.58
C LEU A 494 1.22 21.32 4.03
N GLY A 495 2.34 21.82 4.55
CA GLY A 495 3.46 20.97 4.94
C GLY A 495 3.12 19.95 6.02
N ALA A 496 2.38 20.39 7.04
CA ALA A 496 2.13 19.54 8.20
C ALA A 496 1.31 18.28 7.87
N PRO A 497 0.18 18.42 7.15
CA PRO A 497 -0.54 17.21 6.73
C PRO A 497 0.31 16.21 5.95
N PHE A 498 1.03 16.68 4.93
CA PHE A 498 1.88 15.78 4.15
C PHE A 498 2.93 15.11 5.04
N SER A 499 3.53 15.90 5.91
CA SER A 499 4.64 15.46 6.74
C SER A 499 4.22 14.39 7.76
N LEU A 500 3.21 14.70 8.55
CA LEU A 500 2.79 13.81 9.64
C LEU A 500 2.17 12.52 9.12
N LYS A 501 1.43 12.61 8.03
CA LYS A 501 0.87 11.43 7.39
C LYS A 501 1.97 10.50 6.89
N GLY A 502 3.02 11.07 6.29
CA GLY A 502 4.15 10.30 5.79
C GLY A 502 4.91 9.59 6.90
N LEU A 503 4.96 10.23 8.07
CA LEU A 503 5.69 9.67 9.21
C LEU A 503 4.90 8.56 9.88
N MET A 504 3.64 8.83 10.23
CA MET A 504 2.82 7.87 10.95
C MET A 504 2.28 6.75 10.05
N GLY A 505 2.24 6.98 8.75
CA GLY A 505 1.76 5.97 7.79
C GLY A 505 2.70 4.78 7.61
N ASN A 506 3.92 4.92 8.10
CA ASN A 506 4.94 3.87 7.98
C ASN A 506 4.46 2.57 8.64
N PRO A 507 4.73 1.40 8.02
CA PRO A 507 4.26 0.17 8.65
C PRO A 507 4.81 -0.09 10.06
N ILE A 508 5.98 0.43 10.38
CA ILE A 508 6.51 0.21 11.74
C ILE A 508 5.63 0.85 12.80
N CYS A 509 4.79 1.81 12.39
CA CYS A 509 3.84 2.45 13.31
C CYS A 509 2.54 1.67 13.47
N SER A 510 2.34 0.62 12.67
CA SER A 510 1.11 -0.16 12.77
C SER A 510 1.17 -1.10 13.97
N PRO A 511 0.00 -1.46 14.53
CA PRO A 511 -0.02 -2.29 15.74
C PRO A 511 0.73 -3.63 15.63
N GLN A 512 0.74 -4.28 14.47
CA GLN A 512 1.46 -5.57 14.37
C GLN A 512 2.97 -5.42 14.33
N TYR A 513 3.47 -4.24 13.95
CA TYR A 513 4.91 -3.96 13.98
C TYR A 513 5.38 -3.28 15.26
N TRP A 514 4.54 -2.44 15.85
CA TRP A 514 4.96 -1.61 16.99
C TRP A 514 4.96 -2.40 18.29
N LYS A 515 5.98 -3.25 18.42
CA LYS A 515 6.17 -4.06 19.61
C LYS A 515 7.66 -4.42 19.71
N PRO A 516 8.14 -4.73 20.93
CA PRO A 516 9.57 -4.94 21.12
C PRO A 516 10.20 -6.02 20.22
N SER A 517 9.50 -7.12 19.99
CA SER A 517 10.08 -8.24 19.23
C SER A 517 10.45 -7.86 17.80
N THR A 518 9.74 -6.88 17.23
CA THR A 518 10.05 -6.40 15.88
C THR A 518 11.47 -5.85 15.81
N PHE A 519 11.94 -5.28 16.92
CA PHE A 519 13.21 -4.58 16.95
C PHE A 519 14.27 -5.34 17.75
N GLY A 520 14.08 -6.64 17.90
CA GLY A 520 15.02 -7.49 18.63
C GLY A 520 14.89 -7.44 20.15
N GLY A 521 13.75 -6.95 20.64
CA GLY A 521 13.47 -6.93 22.08
C GLY A 521 13.54 -5.53 22.64
N GLU A 522 13.41 -5.42 23.96
CA GLU A 522 13.33 -4.11 24.61
C GLU A 522 14.57 -3.24 24.37
N VAL A 523 15.74 -3.87 24.21
CA VAL A 523 16.97 -3.11 23.96
C VAL A 523 16.90 -2.36 22.62
N GLY A 524 16.39 -3.03 21.59
CA GLY A 524 16.19 -2.40 20.29
C GLY A 524 15.10 -1.34 20.31
N PHE A 525 13.99 -1.66 20.96
CA PHE A 525 12.85 -0.76 21.05
C PHE A 525 13.26 0.54 21.77
N LYS A 526 14.08 0.40 22.80
CA LYS A 526 14.58 1.56 23.55
C LYS A 526 15.44 2.50 22.68
N ILE A 527 16.21 1.93 21.75
CA ILE A 527 17.01 2.75 20.84
C ILE A 527 16.11 3.70 20.07
N ILE A 528 14.95 3.22 19.64
CA ILE A 528 14.00 4.05 18.91
C ILE A 528 13.39 5.11 19.82
N ASN A 529 12.88 4.66 20.97
CA ASN A 529 12.08 5.54 21.80
C ASN A 529 12.87 6.57 22.62
N THR A 530 14.21 6.44 22.61
CA THR A 530 15.10 7.41 23.26
C THR A 530 15.99 8.18 22.25
N ALA A 531 15.77 7.96 20.95
CA ALA A 531 16.60 8.61 19.93
C ALA A 531 16.43 10.12 19.97
N SER A 532 17.50 10.82 19.60
CA SER A 532 17.49 12.27 19.49
C SER A 532 18.64 12.71 18.60
N ILE A 533 18.54 13.92 18.05
CA ILE A 533 19.64 14.45 17.24
C ILE A 533 20.93 14.54 18.07
N GLN A 534 20.81 14.95 19.33
CA GLN A 534 21.99 15.02 20.20
C GLN A 534 22.61 13.64 20.44
N SER A 535 21.77 12.63 20.70
CA SER A 535 22.30 11.29 20.95
C SER A 535 22.86 10.65 19.66
N LEU A 536 22.23 10.92 18.52
CA LEU A 536 22.74 10.45 17.22
C LEU A 536 24.18 10.93 17.03
N ILE A 537 24.41 12.22 17.27
CA ILE A 537 25.75 12.81 17.14
C ILE A 537 26.69 12.32 18.24
N CYS A 538 26.21 12.29 19.48
CA CYS A 538 27.04 11.88 20.62
C CYS A 538 27.61 10.45 20.45
N ASN A 539 26.76 9.54 20.00
CA ASN A 539 27.15 8.15 19.82
C ASN A 539 28.10 7.91 18.63
N ASN A 540 28.07 8.79 17.64
CA ASN A 540 28.75 8.52 16.36
C ASN A 540 29.77 9.56 15.90
N VAL A 541 30.01 10.59 16.71
CA VAL A 541 30.94 11.64 16.34
C VAL A 541 31.96 11.78 17.47
N LYS A 542 33.23 11.74 17.12
CA LYS A 542 34.32 11.79 18.10
C LYS A 542 34.17 13.01 19.00
N GLY A 543 34.30 12.78 20.31
CA GLY A 543 34.25 13.84 21.30
C GLY A 543 32.86 14.24 21.74
N CYS A 544 31.83 13.59 21.17
CA CYS A 544 30.43 13.90 21.48
C CYS A 544 30.15 15.39 21.58
N PRO A 545 30.31 16.13 20.47
CA PRO A 545 30.07 17.56 20.48
C PRO A 545 28.59 17.87 20.70
N PHE A 546 28.31 19.00 21.34
CA PHE A 546 26.95 19.47 21.48
C PHE A 546 26.35 19.75 20.11
N THR A 547 25.09 19.40 19.92
CA THR A 547 24.40 19.81 18.72
C THR A 547 22.93 20.09 18.98
N SER A 548 22.31 20.74 18.00
CA SER A 548 20.94 21.22 18.10
C SER A 548 20.54 21.65 16.70
N PHE A 549 19.24 21.81 16.47
CA PHE A 549 18.77 22.42 15.23
C PHE A 549 18.65 23.96 15.31
N ASN A 550 18.93 24.52 16.47
N ASN A 550 18.95 24.52 16.48
CA ASN A 550 18.91 25.97 16.63
CA ASN A 550 18.90 25.94 16.74
C ASN A 550 20.27 26.47 17.09
C ASN A 550 20.29 26.45 17.09
N VAL A 551 20.67 27.64 16.60
CA VAL A 551 21.89 28.30 17.03
C VAL A 551 21.72 28.70 18.50
N GLN A 552 22.80 28.63 19.28
CA GLN A 552 22.72 28.90 20.72
C GLN A 552 22.98 30.36 21.02
N ALA B 1 17.81 -25.98 15.52
CA ALA B 1 18.37 -25.50 16.81
C ALA B 1 17.83 -24.12 17.23
N ASN B 2 17.12 -23.44 16.34
CA ASN B 2 16.39 -22.22 16.71
C ASN B 2 15.48 -22.55 17.90
N PRO B 3 15.63 -21.81 19.03
CA PRO B 3 14.77 -22.11 20.18
C PRO B 3 13.27 -21.84 19.95
N CYS B 4 12.94 -21.17 18.86
CA CYS B 4 11.55 -20.93 18.49
C CYS B 4 10.96 -22.05 17.60
N CYS B 5 11.74 -23.11 17.36
CA CYS B 5 11.31 -24.19 16.47
C CYS B 5 10.03 -24.90 16.91
N SER B 6 9.78 -24.93 18.23
CA SER B 6 8.60 -25.63 18.74
C SER B 6 7.30 -24.82 18.65
N ASN B 7 7.38 -23.59 18.13
CA ASN B 7 6.23 -22.67 18.07
C ASN B 7 5.60 -22.50 19.46
N PRO B 8 6.42 -22.15 20.46
CA PRO B 8 5.96 -22.14 21.85
C PRO B 8 4.97 -21.03 22.19
N CYS B 9 5.04 -19.90 21.50
CA CYS B 9 4.19 -18.76 21.83
C CYS B 9 2.78 -18.98 21.29
N GLN B 10 1.79 -18.85 22.16
CA GLN B 10 0.40 -19.06 21.81
C GLN B 10 -0.34 -17.75 21.59
N ASN B 11 -1.57 -17.85 21.09
CA ASN B 11 -2.49 -16.72 20.99
C ASN B 11 -1.92 -15.52 20.23
N ARG B 12 -1.16 -15.82 19.18
CA ARG B 12 -0.55 -14.83 18.31
C ARG B 12 0.59 -14.03 18.95
N GLY B 13 1.12 -14.53 20.05
CA GLY B 13 2.35 -14.00 20.61
C GLY B 13 3.51 -14.29 19.67
N GLU B 14 4.52 -13.42 19.69
CA GLU B 14 5.65 -13.55 18.78
C GLU B 14 6.86 -14.13 19.51
N CYS B 15 7.48 -15.15 18.91
CA CYS B 15 8.67 -15.79 19.47
C CYS B 15 9.93 -15.12 18.94
N MET B 16 10.85 -14.84 19.85
CA MET B 16 12.16 -14.30 19.52
C MET B 16 13.20 -15.06 20.32
N SER B 17 14.29 -15.46 19.67
CA SER B 17 15.40 -16.11 20.37
C SER B 17 16.13 -15.06 21.22
N THR B 18 16.62 -15.47 22.38
CA THR B 18 17.36 -14.57 23.27
C THR B 18 18.73 -15.15 23.60
N GLY B 19 19.17 -16.10 22.78
CA GLY B 19 20.39 -16.85 23.00
C GLY B 19 20.29 -18.10 22.14
N PHE B 20 21.32 -18.93 22.19
CA PHE B 20 21.36 -20.14 21.37
C PHE B 20 20.26 -21.15 21.73
N ASP B 21 19.89 -21.20 23.02
CA ASP B 21 18.91 -22.17 23.51
C ASP B 21 17.76 -21.58 24.34
N GLN B 22 17.55 -20.26 24.27
CA GLN B 22 16.50 -19.58 25.03
C GLN B 22 15.63 -18.76 24.10
N TYR B 23 14.35 -18.62 24.43
CA TYR B 23 13.43 -17.76 23.68
C TYR B 23 12.64 -16.86 24.62
N LYS B 24 11.95 -15.89 24.01
CA LYS B 24 11.09 -14.96 24.72
C LYS B 24 9.85 -14.76 23.85
N CYS B 25 8.68 -14.81 24.47
CA CYS B 25 7.43 -14.48 23.78
C CYS B 25 7.04 -13.03 24.03
N ASP B 26 6.68 -12.34 22.96
CA ASP B 26 6.15 -10.99 23.04
C ASP B 26 4.63 -11.08 22.97
N CYS B 27 3.97 -10.87 24.12
CA CYS B 27 2.52 -11.03 24.22
C CYS B 27 1.75 -9.71 24.02
N THR B 28 2.44 -8.67 23.53
CA THR B 28 1.80 -7.37 23.28
C THR B 28 0.47 -7.49 22.54
N ARG B 29 -0.58 -6.95 23.15
CA ARG B 29 -1.93 -6.85 22.57
C ARG B 29 -2.57 -8.20 22.18
N THR B 30 -2.13 -9.31 22.78
CA THR B 30 -2.73 -10.62 22.53
C THR B 30 -3.95 -10.87 23.42
N GLY B 31 -4.04 -10.12 24.52
CA GLY B 31 -5.04 -10.38 25.56
C GLY B 31 -4.57 -11.40 26.58
N PHE B 32 -3.33 -11.90 26.41
CA PHE B 32 -2.75 -12.89 27.29
C PHE B 32 -1.38 -12.42 27.78
N TYR B 33 -0.88 -13.05 28.83
CA TYR B 33 0.48 -12.82 29.30
C TYR B 33 1.10 -14.15 29.78
N GLY B 34 2.28 -14.09 30.39
CA GLY B 34 3.00 -15.28 30.82
C GLY B 34 4.02 -15.72 29.78
N GLU B 35 4.84 -16.72 30.15
CA GLU B 35 5.97 -17.16 29.32
C GLU B 35 5.57 -17.45 27.87
N ASN B 36 4.43 -18.10 27.68
CA ASN B 36 3.99 -18.52 26.35
C ASN B 36 2.69 -17.83 25.88
N CYS B 37 2.36 -16.72 26.54
CA CYS B 37 1.14 -15.96 26.25
C CYS B 37 -0.12 -16.83 26.40
N THR B 38 -0.18 -17.62 27.47
CA THR B 38 -1.34 -18.50 27.71
C THR B 38 -2.17 -18.12 28.94
N THR B 39 -1.70 -17.18 29.75
CA THR B 39 -2.46 -16.71 30.91
C THR B 39 -3.36 -15.56 30.47
N PRO B 40 -4.70 -15.76 30.53
CA PRO B 40 -5.60 -14.76 29.99
C PRO B 40 -5.85 -13.57 30.93
N GLU B 41 -5.91 -12.37 30.35
CA GLU B 41 -6.39 -11.20 31.07
C GLU B 41 -7.85 -11.40 31.44
N PHE B 42 -8.33 -10.64 32.42
CA PHE B 42 -9.70 -10.82 32.92
C PHE B 42 -10.74 -10.65 31.82
N LEU B 43 -10.63 -9.57 31.06
CA LEU B 43 -11.58 -9.28 29.99
C LEU B 43 -11.48 -10.33 28.87
N THR B 44 -10.30 -10.91 28.70
CA THR B 44 -10.09 -12.02 27.77
C THR B 44 -10.85 -13.27 28.22
N ARG B 45 -10.83 -13.55 29.52
CA ARG B 45 -11.60 -14.68 30.07
C ARG B 45 -13.09 -14.52 29.80
N ILE B 46 -13.60 -13.30 29.95
CA ILE B 46 -15.01 -13.00 29.69
C ILE B 46 -15.33 -13.22 28.21
N LYS B 47 -14.45 -12.74 27.33
CA LYS B 47 -14.63 -12.89 25.89
C LYS B 47 -14.65 -14.36 25.45
N LEU B 48 -13.77 -15.17 26.04
CA LEU B 48 -13.71 -16.60 25.72
C LEU B 48 -14.92 -17.38 26.22
N LEU B 49 -15.50 -16.92 27.32
CA LEU B 49 -16.73 -17.52 27.87
C LEU B 49 -17.91 -17.31 26.91
N LEU B 50 -18.05 -16.09 26.40
CA LEU B 50 -19.21 -15.69 25.59
C LEU B 50 -19.11 -16.07 24.11
N LYS B 51 -17.89 -16.18 23.60
CA LYS B 51 -17.68 -16.39 22.16
C LYS B 51 -18.19 -17.76 21.70
N PRO B 52 -19.14 -17.76 20.74
CA PRO B 52 -19.61 -19.04 20.20
C PRO B 52 -18.59 -19.64 19.21
N THR B 53 -18.64 -20.96 19.05
CA THR B 53 -17.74 -21.63 18.12
C THR B 53 -18.15 -21.34 16.68
N PRO B 54 -17.22 -21.51 15.72
CA PRO B 54 -17.58 -21.41 14.32
C PRO B 54 -18.70 -22.37 13.91
N ASN B 55 -18.68 -23.58 14.45
CA ASN B 55 -19.72 -24.57 14.13
C ASN B 55 -21.09 -24.14 14.65
N THR B 56 -21.13 -23.47 15.81
CA THR B 56 -22.37 -22.92 16.34
C THR B 56 -22.88 -21.77 15.47
N VAL B 57 -21.99 -20.86 15.08
CA VAL B 57 -22.37 -19.73 14.25
C VAL B 57 -22.82 -20.19 12.87
N HIS B 58 -22.09 -21.15 12.29
CA HIS B 58 -22.48 -21.76 11.03
C HIS B 58 -23.89 -22.40 11.10
N TYR B 59 -24.16 -23.12 12.19
CA TYR B 59 -25.48 -23.72 12.38
C TYR B 59 -26.57 -22.66 12.32
N ILE B 60 -26.36 -21.57 13.04
CA ILE B 60 -27.34 -20.49 13.13
C ILE B 60 -27.59 -19.84 11.76
N LEU B 61 -26.51 -19.66 10.98
CA LEU B 61 -26.61 -19.04 9.66
C LEU B 61 -27.26 -19.94 8.60
N THR B 62 -27.29 -21.25 8.84
CA THR B 62 -27.83 -22.21 7.87
C THR B 62 -29.12 -22.88 8.35
N HIS B 63 -29.72 -22.34 9.41
CA HIS B 63 -31.02 -22.77 9.88
C HIS B 63 -31.90 -21.54 10.09
N PHE B 64 -33.14 -21.73 10.52
CA PHE B 64 -34.05 -20.62 10.80
C PHE B 64 -34.29 -19.76 9.57
N LYS B 65 -34.53 -20.40 8.42
CA LYS B 65 -34.68 -19.69 7.14
C LYS B 65 -35.79 -18.64 7.17
N GLY B 66 -36.90 -18.97 7.84
CA GLY B 66 -38.02 -18.04 8.00
C GLY B 66 -37.63 -16.78 8.74
N VAL B 67 -36.83 -16.92 9.80
CA VAL B 67 -36.35 -15.79 10.57
C VAL B 67 -35.39 -14.92 9.74
N TRP B 68 -34.50 -15.55 8.97
CA TRP B 68 -33.57 -14.82 8.11
C TRP B 68 -34.29 -14.06 6.99
N ASN B 69 -35.38 -14.62 6.46
CA ASN B 69 -36.18 -13.91 5.44
C ASN B 69 -36.66 -12.57 5.96
N ILE B 70 -37.06 -12.54 7.25
CA ILE B 70 -37.46 -11.31 7.92
C ILE B 70 -36.26 -10.37 8.10
N VAL B 71 -35.16 -10.89 8.64
CA VAL B 71 -33.95 -10.10 8.87
C VAL B 71 -33.41 -9.49 7.57
N ASN B 72 -33.44 -10.26 6.49
CA ASN B 72 -32.96 -9.80 5.19
C ASN B 72 -33.73 -8.60 4.63
N ASN B 73 -34.96 -8.40 5.10
CA ASN B 73 -35.81 -7.29 4.64
C ASN B 73 -35.91 -6.13 5.65
N ILE B 74 -35.02 -6.12 6.64
CA ILE B 74 -34.86 -4.99 7.56
C ILE B 74 -33.45 -4.42 7.31
N PRO B 75 -33.33 -3.35 6.49
CA PRO B 75 -32.02 -2.87 6.06
C PRO B 75 -31.02 -2.57 7.18
N PHE B 76 -31.52 -1.97 8.27
CA PHE B 76 -30.69 -1.66 9.44
C PHE B 76 -30.00 -2.92 10.00
N LEU B 77 -30.77 -3.99 10.12
CA LEU B 77 -30.27 -5.24 10.70
C LEU B 77 -29.35 -5.99 9.74
N ARG B 78 -29.70 -6.00 8.46
CA ARG B 78 -28.85 -6.60 7.43
C ARG B 78 -27.50 -5.87 7.38
N SER B 79 -27.53 -4.55 7.46
CA SER B 79 -26.31 -3.74 7.52
C SER B 79 -25.47 -4.07 8.74
N LEU B 80 -26.10 -4.10 9.92
CA LEU B 80 -25.42 -4.40 11.19
C LEU B 80 -24.70 -5.76 11.14
N ILE B 81 -25.41 -6.78 10.67
CA ILE B 81 -24.86 -8.13 10.61
C ILE B 81 -23.73 -8.22 9.58
N MET B 82 -23.94 -7.66 8.39
CA MET B 82 -22.89 -7.68 7.36
C MET B 82 -21.65 -6.93 7.85
N LYS B 83 -21.86 -5.81 8.53
CA LYS B 83 -20.76 -5.04 9.09
C LYS B 83 -19.90 -5.91 10.02
N TYR B 84 -20.57 -6.66 10.90
CA TYR B 84 -19.87 -7.53 11.85
C TYR B 84 -19.14 -8.66 11.13
N VAL B 85 -19.75 -9.21 10.07
CA VAL B 85 -19.09 -10.22 9.24
C VAL B 85 -17.77 -9.67 8.68
N LEU B 86 -17.82 -8.48 8.10
CA LEU B 86 -16.64 -7.88 7.49
C LEU B 86 -15.53 -7.58 8.50
N THR B 87 -15.90 -6.95 9.62
CA THR B 87 -14.92 -6.54 10.62
C THR B 87 -14.32 -7.73 11.37
N SER B 88 -15.17 -8.69 11.79
CA SER B 88 -14.68 -9.86 12.54
C SER B 88 -13.75 -10.74 11.70
N ARG B 89 -14.06 -10.88 10.41
CA ARG B 89 -13.19 -11.64 9.49
C ARG B 89 -11.88 -10.90 9.22
N SER B 90 -11.98 -9.62 8.90
CA SER B 90 -10.80 -8.85 8.50
C SER B 90 -9.76 -8.70 9.61
N TYR B 91 -10.20 -8.72 10.86
CA TYR B 91 -9.30 -8.62 12.01
C TYR B 91 -8.28 -9.78 12.10
N LEU B 92 -8.57 -10.91 11.46
CA LEU B 92 -7.69 -12.08 11.47
C LEU B 92 -6.48 -11.93 10.53
N ILE B 93 -6.49 -10.91 9.69
CA ILE B 93 -5.44 -10.71 8.68
C ILE B 93 -4.52 -9.56 9.09
N ASP B 94 -3.21 -9.81 9.10
CA ASP B 94 -2.22 -8.77 9.40
C ASP B 94 -2.16 -7.78 8.24
N SER B 95 -2.37 -6.50 8.54
CA SER B 95 -2.38 -5.45 7.52
C SER B 95 -1.96 -4.12 8.15
N PRO B 96 -0.79 -3.57 7.75
CA PRO B 96 0.20 -4.04 6.76
C PRO B 96 0.75 -5.45 7.02
N PRO B 97 1.19 -6.13 5.95
CA PRO B 97 1.63 -7.52 6.03
C PRO B 97 3.01 -7.69 6.67
N THR B 98 3.32 -8.93 7.04
CA THR B 98 4.50 -9.25 7.84
C THR B 98 5.40 -10.27 7.12
N TYR B 99 5.18 -11.55 7.36
CA TYR B 99 6.16 -12.58 6.99
C TYR B 99 6.05 -12.99 5.54
N ASN B 100 7.09 -13.68 5.06
CA ASN B 100 7.01 -14.37 3.77
C ASN B 100 7.89 -15.62 3.80
N VAL B 101 8.02 -16.30 2.67
CA VAL B 101 8.76 -17.59 2.63
C VAL B 101 10.21 -17.48 3.13
N HIS B 102 10.83 -16.31 2.98
CA HIS B 102 12.24 -16.13 3.36
C HIS B 102 12.45 -15.43 4.70
N TYR B 103 11.37 -14.89 5.28
CA TYR B 103 11.46 -14.11 6.52
C TYR B 103 10.45 -14.56 7.58
N GLY B 104 10.97 -15.22 8.61
CA GLY B 104 10.18 -15.61 9.78
C GLY B 104 10.18 -14.56 10.88
N TYR B 105 10.79 -13.41 10.59
CA TYR B 105 10.75 -12.22 11.45
C TYR B 105 10.36 -11.05 10.54
N LYS B 106 9.85 -9.97 11.14
CA LYS B 106 9.46 -8.79 10.36
C LYS B 106 10.70 -8.08 9.82
N SER B 107 10.63 -7.65 8.57
CA SER B 107 11.75 -6.94 7.95
C SER B 107 11.25 -5.99 6.88
N TRP B 108 12.06 -5.00 6.56
CA TRP B 108 11.71 -4.08 5.51
C TRP B 108 11.66 -4.82 4.16
N GLU B 109 12.53 -5.80 3.98
CA GLU B 109 12.50 -6.61 2.76
C GLU B 109 11.17 -7.33 2.62
N ALA B 110 10.70 -7.98 3.69
CA ALA B 110 9.42 -8.71 3.63
C ALA B 110 8.25 -7.73 3.46
N PHE B 111 8.32 -6.57 4.11
CA PHE B 111 7.25 -5.59 3.92
C PHE B 111 7.21 -5.05 2.49
N SER B 112 8.37 -4.62 1.98
CA SER B 112 8.42 -3.81 0.76
C SER B 112 8.40 -4.61 -0.55
N ASN B 113 8.91 -5.84 -0.53
CA ASN B 113 9.08 -6.59 -1.78
C ASN B 113 7.77 -7.24 -2.22
N LEU B 114 7.11 -6.63 -3.20
CA LEU B 114 5.80 -7.06 -3.66
C LEU B 114 5.84 -8.38 -4.47
N SER B 115 7.03 -8.83 -4.86
CA SER B 115 7.13 -10.09 -5.61
C SER B 115 6.88 -11.35 -4.77
N TYR B 116 6.84 -11.21 -3.44
CA TYR B 116 6.50 -12.32 -2.56
C TYR B 116 5.01 -12.39 -2.24
N TYR B 117 4.49 -13.61 -2.15
CA TYR B 117 3.26 -13.83 -1.40
C TYR B 117 3.58 -13.57 0.06
N THR B 118 2.63 -13.02 0.81
CA THR B 118 2.81 -12.90 2.25
C THR B 118 2.48 -14.22 2.95
N ARG B 119 2.72 -14.28 4.26
CA ARG B 119 2.48 -15.49 5.03
C ARG B 119 1.70 -15.20 6.30
N ALA B 120 0.54 -15.86 6.43
CA ALA B 120 -0.28 -15.80 7.63
C ALA B 120 0.43 -16.36 8.85
N LEU B 121 1.25 -17.40 8.65
CA LEU B 121 2.17 -17.89 9.69
C LEU B 121 3.58 -17.92 9.10
N PRO B 122 4.59 -17.57 9.90
CA PRO B 122 5.95 -17.59 9.37
C PRO B 122 6.40 -19.01 9.04
N PRO B 123 7.38 -19.15 8.14
CA PRO B 123 7.88 -20.48 7.83
C PRO B 123 8.58 -21.14 9.02
N VAL B 124 8.59 -22.47 9.02
CA VAL B 124 9.42 -23.22 9.95
C VAL B 124 10.88 -22.97 9.56
N ALA B 125 11.69 -22.57 10.53
CA ALA B 125 13.09 -22.20 10.26
C ALA B 125 13.87 -23.36 9.64
N ASP B 126 14.88 -23.02 8.85
CA ASP B 126 15.67 -24.01 8.11
C ASP B 126 16.40 -25.00 9.02
N ASP B 127 16.85 -24.55 10.19
CA ASP B 127 17.64 -25.42 11.08
C ASP B 127 16.82 -26.21 12.10
N CYS B 128 15.49 -26.16 12.02
CA CYS B 128 14.64 -26.95 12.91
C CYS B 128 14.82 -28.45 12.63
N PRO B 129 14.76 -29.28 13.68
CA PRO B 129 15.06 -30.71 13.51
C PRO B 129 14.03 -31.50 12.69
N THR B 130 12.78 -31.04 12.66
CA THR B 130 11.75 -31.72 11.87
C THR B 130 11.05 -30.71 10.97
N PRO B 131 10.38 -31.20 9.90
CA PRO B 131 9.69 -30.31 8.98
C PRO B 131 8.68 -29.37 9.65
N MET B 132 7.96 -29.86 10.66
CA MET B 132 6.97 -29.05 11.36
C MET B 132 7.51 -28.27 12.56
N GLY B 133 8.80 -28.45 12.85
CA GLY B 133 9.45 -27.74 13.96
C GLY B 133 10.25 -28.70 14.81
N VAL B 134 9.59 -29.29 15.80
CA VAL B 134 10.20 -30.34 16.62
C VAL B 134 9.38 -31.65 16.66
N LYS B 135 8.10 -31.57 16.33
CA LYS B 135 7.22 -32.75 16.36
C LYS B 135 7.37 -33.59 15.10
N GLY B 136 6.99 -34.86 15.21
CA GLY B 136 6.96 -35.77 14.06
C GLY B 136 8.31 -36.39 13.72
N ASN B 137 8.32 -37.13 12.62
CA ASN B 137 9.53 -37.77 12.12
C ASN B 137 10.40 -36.76 11.37
N LYS B 138 11.62 -37.18 11.04
CA LYS B 138 12.58 -36.31 10.35
C LYS B 138 12.13 -35.98 8.93
N GLU B 139 11.34 -36.87 8.33
CA GLU B 139 10.73 -36.60 7.03
C GLU B 139 9.21 -36.76 7.14
N LEU B 140 8.47 -35.88 6.47
CA LEU B 140 7.02 -36.06 6.34
C LEU B 140 6.74 -37.27 5.45
N PRO B 141 5.51 -37.83 5.53
CA PRO B 141 5.22 -39.01 4.71
C PRO B 141 5.30 -38.74 3.21
N ASP B 142 5.60 -39.78 2.43
CA ASP B 142 5.63 -39.71 0.97
C ASP B 142 4.35 -39.06 0.47
N SER B 143 4.47 -37.97 -0.28
CA SER B 143 3.30 -37.23 -0.76
C SER B 143 2.46 -38.03 -1.76
N LYS B 144 3.10 -38.94 -2.49
CA LYS B 144 2.39 -39.87 -3.37
C LYS B 144 1.46 -40.77 -2.56
N GLU B 145 1.92 -41.24 -1.40
CA GLU B 145 1.09 -42.08 -0.52
C GLU B 145 -0.10 -41.31 0.05
N VAL B 146 0.13 -40.08 0.49
CA VAL B 146 -0.95 -39.24 1.00
C VAL B 146 -2.00 -39.03 -0.10
N LEU B 147 -1.52 -38.62 -1.27
CA LEU B 147 -2.36 -38.41 -2.44
C LEU B 147 -3.22 -39.63 -2.78
N GLU B 148 -2.56 -40.77 -2.98
CA GLU B 148 -3.23 -41.98 -3.43
C GLU B 148 -4.23 -42.52 -2.40
N LYS B 149 -3.86 -42.50 -1.12
CA LYS B 149 -4.68 -43.10 -0.07
C LYS B 149 -5.95 -42.29 0.25
N VAL B 150 -5.82 -40.97 0.41
CA VAL B 150 -6.94 -40.15 0.88
C VAL B 150 -7.42 -39.01 -0.02
N LEU B 151 -6.71 -38.72 -1.12
CA LEU B 151 -7.10 -37.60 -1.99
C LEU B 151 -7.68 -38.00 -3.35
N LEU B 152 -7.14 -39.03 -3.99
CA LEU B 152 -7.58 -39.38 -5.34
C LEU B 152 -9.01 -39.92 -5.38
N ARG B 153 -9.75 -39.46 -6.40
CA ARG B 153 -11.14 -39.85 -6.62
C ARG B 153 -11.28 -41.32 -7.02
N ARG B 154 -12.15 -42.04 -6.30
CA ARG B 154 -12.62 -43.34 -6.74
C ARG B 154 -13.87 -43.10 -7.59
N GLU B 155 -15.04 -43.02 -6.96
CA GLU B 155 -16.24 -42.56 -7.65
C GLU B 155 -16.40 -41.06 -7.41
N PHE B 156 -16.91 -40.36 -8.43
CA PHE B 156 -17.23 -38.94 -8.31
C PHE B 156 -18.18 -38.68 -7.16
N ILE B 157 -17.80 -37.75 -6.28
CA ILE B 157 -18.66 -37.33 -5.17
C ILE B 157 -19.19 -35.93 -5.50
N PRO B 158 -20.50 -35.83 -5.79
CA PRO B 158 -21.06 -34.52 -6.14
C PRO B 158 -21.15 -33.59 -4.94
N ASP B 159 -21.10 -32.29 -5.19
CA ASP B 159 -21.27 -31.30 -4.13
C ASP B 159 -22.71 -31.27 -3.67
N PRO B 160 -22.95 -31.56 -2.37
CA PRO B 160 -24.33 -31.49 -1.86
C PRO B 160 -24.94 -30.08 -1.84
N GLN B 161 -24.10 -29.05 -1.84
CA GLN B 161 -24.58 -27.65 -1.98
C GLN B 161 -25.00 -27.31 -3.41
N GLY B 162 -24.75 -28.21 -4.35
CA GLY B 162 -25.24 -28.04 -5.72
C GLY B 162 -24.41 -27.12 -6.60
N SER B 163 -23.18 -26.82 -6.17
CA SER B 163 -22.27 -26.00 -7.00
C SER B 163 -22.18 -26.60 -8.40
N ASN B 164 -22.13 -25.74 -9.40
CA ASN B 164 -22.08 -26.16 -10.80
C ASN B 164 -20.77 -25.74 -11.48
N MET B 165 -20.68 -25.95 -12.80
CA MET B 165 -19.45 -25.63 -13.53
C MET B 165 -19.30 -24.12 -13.78
N MET B 166 -20.41 -23.38 -13.79
CA MET B 166 -20.33 -21.92 -13.79
C MET B 166 -19.56 -21.46 -12.55
N PHE B 167 -19.85 -22.10 -11.41
CA PHE B 167 -19.17 -21.79 -10.15
C PHE B 167 -17.70 -22.20 -10.20
N ALA B 168 -17.43 -23.42 -10.65
CA ALA B 168 -16.06 -23.93 -10.69
C ALA B 168 -15.17 -23.04 -11.57
N PHE B 169 -15.63 -22.71 -12.77
CA PHE B 169 -14.82 -21.88 -13.68
C PHE B 169 -14.77 -20.41 -13.26
N PHE B 170 -15.81 -19.93 -12.59
CA PHE B 170 -15.76 -18.57 -12.04
C PHE B 170 -14.67 -18.49 -10.96
N ALA B 171 -14.63 -19.47 -10.07
CA ALA B 171 -13.60 -19.56 -9.05
C ALA B 171 -12.21 -19.52 -9.68
N GLN B 172 -12.01 -20.33 -10.72
CA GLN B 172 -10.70 -20.41 -11.38
C GLN B 172 -10.35 -19.08 -12.05
N HIS B 173 -11.30 -18.53 -12.79
CA HIS B 173 -11.07 -17.29 -13.52
C HIS B 173 -10.79 -16.12 -12.58
N PHE B 174 -11.68 -15.93 -11.62
CA PHE B 174 -11.58 -14.84 -10.65
C PHE B 174 -10.25 -14.89 -9.86
N THR B 175 -9.97 -16.05 -9.26
CA THR B 175 -8.79 -16.16 -8.38
C THR B 175 -7.48 -16.05 -9.15
N HIS B 176 -7.49 -16.39 -10.44
CA HIS B 176 -6.26 -16.36 -11.22
C HIS B 176 -5.78 -14.95 -11.63
N GLN B 177 -6.48 -13.90 -11.20
CA GLN B 177 -5.89 -12.56 -11.28
C GLN B 177 -4.94 -12.29 -10.12
N PHE B 178 -5.10 -12.98 -8.99
CA PHE B 178 -4.23 -12.75 -7.84
C PHE B 178 -3.40 -13.96 -7.38
N PHE B 179 -3.72 -15.16 -7.85
CA PHE B 179 -2.79 -16.30 -7.76
C PHE B 179 -2.11 -16.48 -9.12
N LYS B 180 -0.88 -15.97 -9.21
CA LYS B 180 -0.08 -16.00 -10.44
C LYS B 180 1.36 -16.28 -10.05
N THR B 181 1.63 -17.54 -9.75
CA THR B 181 2.90 -17.89 -9.15
C THR B 181 4.05 -17.70 -10.15
N ASP B 182 5.12 -17.07 -9.67
CA ASP B 182 6.30 -16.81 -10.47
C ASP B 182 7.22 -18.02 -10.37
N HIS B 183 7.00 -19.00 -11.24
CA HIS B 183 7.70 -20.27 -11.16
C HIS B 183 9.22 -20.16 -11.39
N LYS B 184 9.63 -19.13 -12.11
CA LYS B 184 11.06 -18.82 -12.28
C LYS B 184 11.76 -18.61 -10.94
N ARG B 185 11.08 -17.90 -10.04
CA ARG B 185 11.64 -17.56 -8.72
C ARG B 185 11.33 -18.62 -7.66
N GLY B 186 10.12 -19.16 -7.69
CA GLY B 186 9.71 -20.17 -6.72
C GLY B 186 8.26 -20.04 -6.29
N PRO B 187 7.75 -21.06 -5.58
CA PRO B 187 6.33 -21.10 -5.19
C PRO B 187 5.89 -19.97 -4.24
N GLY B 188 6.83 -19.36 -3.53
CA GLY B 188 6.53 -18.25 -2.62
C GLY B 188 6.48 -16.88 -3.28
N PHE B 189 6.58 -16.84 -4.61
CA PHE B 189 6.65 -15.59 -5.38
C PHE B 189 5.49 -15.46 -6.34
N THR B 190 5.04 -14.21 -6.53
CA THR B 190 3.89 -13.92 -7.38
C THR B 190 4.22 -12.92 -8.48
N ARG B 191 3.52 -13.04 -9.60
CA ARG B 191 3.58 -12.06 -10.68
C ARG B 191 2.44 -11.04 -10.59
N GLY B 192 1.50 -11.26 -9.66
CA GLY B 192 0.36 -10.37 -9.47
C GLY B 192 0.67 -9.28 -8.46
N LEU B 193 1.37 -8.25 -8.91
CA LEU B 193 1.90 -7.21 -8.03
C LEU B 193 0.85 -6.26 -7.49
N GLY B 194 -0.36 -6.33 -8.06
CA GLY B 194 -1.50 -5.60 -7.52
C GLY B 194 -2.09 -6.25 -6.29
N HIS B 195 -1.77 -7.53 -6.07
CA HIS B 195 -2.17 -8.26 -4.86
C HIS B 195 -3.66 -8.17 -4.55
N GLY B 196 -4.48 -8.30 -5.59
CA GLY B 196 -5.92 -8.24 -5.37
C GLY B 196 -6.74 -8.14 -6.62
N VAL B 197 -7.93 -7.56 -6.47
CA VAL B 197 -8.92 -7.51 -7.54
C VAL B 197 -8.68 -6.28 -8.41
N ASP B 198 -7.69 -6.37 -9.30
CA ASP B 198 -7.37 -5.27 -10.21
C ASP B 198 -7.79 -5.56 -11.65
N LEU B 199 -8.33 -6.75 -11.88
CA LEU B 199 -8.74 -7.21 -13.20
C LEU B 199 -7.60 -7.28 -14.22
N ASN B 200 -6.38 -7.53 -13.72
CA ASN B 200 -5.24 -7.73 -14.63
C ASN B 200 -5.43 -8.95 -15.56
N HIS B 201 -6.30 -9.87 -15.16
CA HIS B 201 -6.61 -11.04 -15.96
C HIS B 201 -7.48 -10.72 -17.19
N ILE B 202 -8.05 -9.51 -17.19
CA ILE B 202 -8.72 -8.93 -18.36
C ILE B 202 -7.82 -7.92 -19.08
N TYR B 203 -7.16 -7.03 -18.31
CA TYR B 203 -6.48 -5.87 -18.89
C TYR B 203 -4.97 -6.01 -19.06
N GLY B 204 -4.40 -7.04 -18.46
CA GLY B 204 -2.95 -7.24 -18.45
C GLY B 204 -2.29 -6.69 -17.19
N GLU B 205 -1.23 -7.38 -16.76
CA GLU B 205 -0.48 -6.97 -15.58
C GLU B 205 0.29 -5.67 -15.81
N THR B 206 0.83 -5.50 -17.02
CA THR B 206 1.66 -4.34 -17.34
C THR B 206 1.00 -3.40 -18.35
N LEU B 207 1.49 -2.16 -18.38
CA LEU B 207 0.93 -1.16 -19.28
C LEU B 207 1.12 -1.53 -20.75
N ASP B 208 2.28 -2.11 -21.10
CA ASP B 208 2.53 -2.48 -22.49
C ASP B 208 1.56 -3.56 -22.98
N ARG B 209 1.24 -4.52 -22.11
CA ARG B 209 0.28 -5.58 -22.44
C ARG B 209 -1.12 -4.98 -22.58
N GLN B 210 -1.50 -4.13 -21.64
CA GLN B 210 -2.79 -3.44 -21.70
C GLN B 210 -2.94 -2.70 -23.02
N HIS B 211 -1.92 -1.95 -23.40
CA HIS B 211 -2.00 -1.14 -24.59
C HIS B 211 -2.10 -2.01 -25.85
N LYS B 212 -1.48 -3.20 -25.84
CA LYS B 212 -1.62 -4.15 -26.96
C LYS B 212 -3.04 -4.72 -27.07
N LEU B 213 -3.75 -4.80 -25.94
CA LEU B 213 -5.11 -5.34 -25.90
C LEU B 213 -6.18 -4.29 -26.21
N ARG B 214 -5.80 -3.01 -26.19
CA ARG B 214 -6.78 -1.92 -26.35
C ARG B 214 -6.93 -1.45 -27.79
N LEU B 215 -8.14 -1.02 -28.11
CA LEU B 215 -8.50 -0.51 -29.43
C LEU B 215 -8.09 0.95 -29.62
N PHE B 216 -8.04 1.70 -28.52
CA PHE B 216 -7.79 3.15 -28.54
C PHE B 216 -8.86 3.98 -29.24
N LYS B 217 -10.05 3.39 -29.39
CA LYS B 217 -11.23 4.13 -29.77
C LYS B 217 -12.34 3.78 -28.79
N ASP B 218 -13.01 4.80 -28.28
CA ASP B 218 -14.20 4.64 -27.44
C ASP B 218 -13.97 3.87 -26.13
N GLY B 219 -12.72 3.81 -25.68
CA GLY B 219 -12.34 3.11 -24.45
C GLY B 219 -12.23 1.60 -24.56
N LYS B 220 -12.42 1.06 -25.76
CA LYS B 220 -12.70 -0.37 -25.91
C LYS B 220 -11.48 -1.26 -25.96
N LEU B 221 -11.71 -2.53 -25.69
CA LEU B 221 -10.73 -3.59 -25.90
C LEU B 221 -10.88 -4.15 -27.30
N LYS B 222 -9.76 -4.56 -27.89
CA LYS B 222 -9.76 -5.22 -29.19
C LYS B 222 -10.57 -6.52 -29.14
N TYR B 223 -11.16 -6.88 -30.27
CA TYR B 223 -11.92 -8.12 -30.38
C TYR B 223 -11.95 -8.59 -31.82
N GLN B 224 -12.38 -9.83 -32.04
CA GLN B 224 -12.67 -10.33 -33.38
C GLN B 224 -14.09 -10.83 -33.41
N VAL B 225 -14.62 -10.96 -34.62
CA VAL B 225 -15.95 -11.53 -34.84
C VAL B 225 -15.81 -12.83 -35.60
N ILE B 226 -16.35 -13.91 -35.03
CA ILE B 226 -16.34 -15.22 -35.68
C ILE B 226 -17.78 -15.71 -35.74
N GLY B 227 -18.28 -15.90 -36.95
CA GLY B 227 -19.68 -16.29 -37.18
C GLY B 227 -20.68 -15.39 -36.47
N GLY B 228 -20.43 -14.08 -36.53
CA GLY B 228 -21.30 -13.08 -35.94
C GLY B 228 -21.17 -12.87 -34.42
N GLU B 229 -20.27 -13.60 -33.78
CA GLU B 229 -20.09 -13.56 -32.33
C GLU B 229 -18.75 -12.91 -31.97
N VAL B 230 -18.73 -12.13 -30.88
CA VAL B 230 -17.52 -11.42 -30.43
C VAL B 230 -16.63 -12.29 -29.55
N TYR B 231 -15.36 -12.38 -29.92
CA TYR B 231 -14.38 -13.16 -29.16
C TYR B 231 -13.11 -12.31 -28.96
N PRO B 232 -12.24 -12.72 -28.02
CA PRO B 232 -10.99 -11.99 -27.89
C PRO B 232 -10.18 -12.03 -29.17
N PRO B 233 -9.28 -11.05 -29.36
CA PRO B 233 -8.45 -11.01 -30.56
C PRO B 233 -7.37 -12.09 -30.51
N THR B 234 -6.59 -12.22 -31.57
CA THR B 234 -5.55 -13.24 -31.62
C THR B 234 -4.19 -12.72 -31.15
N VAL B 235 -3.31 -13.65 -30.80
CA VAL B 235 -1.90 -13.37 -30.52
C VAL B 235 -1.21 -12.71 -31.73
N LYS B 236 -1.50 -13.21 -32.93
CA LYS B 236 -0.92 -12.66 -34.15
C LYS B 236 -1.28 -11.19 -34.33
N ASP B 237 -2.56 -10.86 -34.18
CA ASP B 237 -3.05 -9.49 -34.34
C ASP B 237 -2.46 -8.54 -33.29
N THR B 238 -2.39 -8.99 -32.05
CA THR B 238 -2.06 -8.11 -30.92
C THR B 238 -0.60 -8.12 -30.48
N GLN B 239 0.14 -9.18 -30.82
CA GLN B 239 1.49 -9.44 -30.28
C GLN B 239 1.49 -9.66 -28.76
N VAL B 240 0.33 -10.02 -28.20
CA VAL B 240 0.23 -10.33 -26.78
C VAL B 240 0.63 -11.80 -26.58
N GLU B 241 1.66 -12.02 -25.77
CA GLU B 241 2.12 -13.39 -25.48
C GLU B 241 1.07 -14.17 -24.69
N MET B 242 0.83 -15.41 -25.12
CA MET B 242 -0.06 -16.36 -24.44
C MET B 242 0.62 -17.71 -24.40
N ILE B 243 0.20 -18.57 -23.48
CA ILE B 243 0.69 -19.94 -23.43
C ILE B 243 -0.22 -20.84 -24.25
N TYR B 244 0.30 -21.38 -25.34
CA TYR B 244 -0.41 -22.36 -26.15
C TYR B 244 0.56 -23.42 -26.64
N PRO B 245 0.10 -24.68 -26.74
CA PRO B 245 0.94 -25.69 -27.39
C PRO B 245 1.09 -25.41 -28.89
N PRO B 246 2.15 -25.94 -29.50
CA PRO B 246 2.43 -25.61 -30.91
C PRO B 246 1.32 -25.97 -31.91
N HIS B 247 0.46 -26.93 -31.58
CA HIS B 247 -0.56 -27.41 -32.53
C HIS B 247 -1.76 -26.47 -32.69
N ILE B 248 -1.90 -25.49 -31.80
CA ILE B 248 -3.01 -24.54 -31.89
C ILE B 248 -2.74 -23.58 -33.05
N PRO B 249 -3.67 -23.51 -34.00
CA PRO B 249 -3.47 -22.63 -35.15
C PRO B 249 -3.66 -21.17 -34.76
N GLU B 250 -3.08 -20.29 -35.57
CA GLU B 250 -3.05 -18.85 -35.26
C GLU B 250 -4.42 -18.29 -34.95
N ASN B 251 -5.44 -18.75 -35.70
CA ASN B 251 -6.79 -18.23 -35.53
C ASN B 251 -7.45 -18.60 -34.19
N LEU B 252 -6.94 -19.64 -33.53
CA LEU B 252 -7.50 -20.07 -32.23
C LEU B 252 -6.65 -19.65 -31.03
N GLN B 253 -5.57 -18.93 -31.27
CA GLN B 253 -4.73 -18.42 -30.18
C GLN B 253 -5.30 -17.10 -29.69
N PHE B 254 -6.36 -17.17 -28.88
CA PHE B 254 -7.00 -15.97 -28.34
C PHE B 254 -6.07 -15.29 -27.33
N ALA B 255 -6.01 -13.97 -27.38
CA ALA B 255 -5.18 -13.16 -26.50
C ALA B 255 -6.06 -12.41 -25.49
N VAL B 256 -5.78 -12.64 -24.20
CA VAL B 256 -6.50 -11.99 -23.11
C VAL B 256 -5.52 -11.56 -22.02
N GLY B 257 -6.03 -10.88 -20.99
CA GLY B 257 -5.15 -10.29 -19.98
C GLY B 257 -4.22 -11.29 -19.32
N GLN B 258 -4.75 -12.48 -19.02
CA GLN B 258 -4.01 -13.50 -18.29
C GLN B 258 -3.48 -14.52 -19.29
N GLU B 259 -2.15 -14.67 -19.31
CA GLU B 259 -1.47 -15.51 -20.32
C GLU B 259 -1.84 -17.00 -20.30
N VAL B 260 -2.36 -17.51 -19.18
CA VAL B 260 -2.69 -18.94 -19.07
C VAL B 260 -4.14 -19.28 -19.44
N PHE B 261 -4.96 -18.28 -19.76
CA PHE B 261 -6.41 -18.52 -19.92
C PHE B 261 -6.82 -19.28 -21.17
N GLY B 262 -5.86 -19.55 -22.07
CA GLY B 262 -6.08 -20.52 -23.13
C GLY B 262 -6.09 -21.98 -22.67
N LEU B 263 -5.71 -22.23 -21.42
CA LEU B 263 -5.64 -23.57 -20.81
C LEU B 263 -6.92 -24.38 -20.96
N VAL B 264 -8.05 -23.78 -20.62
CA VAL B 264 -9.35 -24.47 -20.74
C VAL B 264 -10.41 -23.51 -21.23
N PRO B 265 -11.34 -24.02 -22.06
CA PRO B 265 -12.42 -23.24 -22.62
C PRO B 265 -13.32 -22.56 -21.58
N GLY B 266 -13.43 -23.16 -20.39
CA GLY B 266 -14.17 -22.54 -19.29
C GLY B 266 -13.61 -21.18 -18.86
N LEU B 267 -12.29 -21.06 -18.88
CA LEU B 267 -11.64 -19.78 -18.60
C LEU B 267 -11.87 -18.81 -19.76
N MET B 268 -11.75 -19.30 -21.00
CA MET B 268 -11.96 -18.45 -22.16
C MET B 268 -13.42 -18.00 -22.28
N MET B 269 -14.35 -18.81 -21.77
CA MET B 269 -15.76 -18.40 -21.70
C MET B 269 -15.90 -17.14 -20.86
N TYR B 270 -15.36 -17.16 -19.65
CA TYR B 270 -15.44 -15.97 -18.79
C TYR B 270 -14.60 -14.81 -19.34
N ALA B 271 -13.44 -15.10 -19.93
CA ALA B 271 -12.63 -14.05 -20.54
C ALA B 271 -13.43 -13.31 -21.62
N THR B 272 -14.18 -14.07 -22.42
CA THR B 272 -15.01 -13.51 -23.48
C THR B 272 -16.17 -12.71 -22.92
N ILE B 273 -16.84 -13.25 -21.90
CA ILE B 273 -17.96 -12.56 -21.26
C ILE B 273 -17.51 -11.21 -20.68
N TRP B 274 -16.39 -11.20 -19.96
CA TRP B 274 -15.89 -9.95 -19.36
C TRP B 274 -15.38 -8.94 -20.39
N LEU B 275 -14.78 -9.41 -21.49
CA LEU B 275 -14.37 -8.55 -22.60
C LEU B 275 -15.59 -7.84 -23.19
N ARG B 276 -16.64 -8.61 -23.44
CA ARG B 276 -17.90 -8.05 -23.92
C ARG B 276 -18.45 -7.03 -22.92
N GLU B 277 -18.40 -7.35 -21.63
CA GLU B 277 -18.91 -6.44 -20.59
C GLU B 277 -18.15 -5.11 -20.59
N HIS B 278 -16.82 -5.16 -20.71
CA HIS B 278 -16.04 -3.93 -20.78
C HIS B 278 -16.52 -3.05 -21.92
N ASN B 279 -16.66 -3.63 -23.11
CA ASN B 279 -17.07 -2.86 -24.27
C ASN B 279 -18.52 -2.37 -24.18
N ARG B 280 -19.37 -3.15 -23.50
CA ARG B 280 -20.74 -2.71 -23.21
C ARG B 280 -20.76 -1.45 -22.33
N VAL B 281 -19.94 -1.46 -21.27
CA VAL B 281 -19.88 -0.33 -20.34
C VAL B 281 -19.31 0.90 -21.05
N CYS B 282 -18.33 0.70 -21.93
CA CYS B 282 -17.82 1.79 -22.77
C CYS B 282 -18.96 2.46 -23.53
N ASP B 283 -19.85 1.66 -24.13
CA ASP B 283 -20.97 2.22 -24.91
C ASP B 283 -21.91 3.03 -24.00
N ILE B 284 -22.17 2.53 -22.79
CA ILE B 284 -23.03 3.23 -21.84
C ILE B 284 -22.39 4.56 -21.44
N LEU B 285 -21.10 4.54 -21.08
CA LEU B 285 -20.41 5.75 -20.66
C LEU B 285 -20.35 6.81 -21.77
N LYS B 286 -20.16 6.37 -23.02
CA LYS B 286 -20.09 7.27 -24.16
C LYS B 286 -21.43 7.97 -24.40
N GLN B 287 -22.52 7.24 -24.19
CA GLN B 287 -23.88 7.81 -24.25
C GLN B 287 -24.03 8.91 -23.20
N GLU B 288 -23.54 8.65 -21.99
CA GLU B 288 -23.61 9.63 -20.90
C GLU B 288 -22.60 10.77 -21.06
N HIS B 289 -21.47 10.48 -21.66
CA HIS B 289 -20.37 11.42 -21.77
C HIS B 289 -19.86 11.50 -23.22
N PRO B 290 -20.61 12.15 -24.10
CA PRO B 290 -20.13 12.33 -25.48
C PRO B 290 -18.83 13.13 -25.55
N GLU B 291 -18.54 13.90 -24.51
CA GLU B 291 -17.36 14.77 -24.42
C GLU B 291 -16.07 14.05 -24.01
N TRP B 292 -16.21 12.81 -23.54
CA TRP B 292 -15.05 12.05 -23.04
C TRP B 292 -14.24 11.42 -24.17
N GLY B 293 -12.94 11.28 -23.94
CA GLY B 293 -12.04 10.60 -24.85
C GLY B 293 -11.84 9.14 -24.48
N ASP B 294 -11.11 8.44 -25.35
CA ASP B 294 -10.84 7.02 -25.19
C ASP B 294 -10.24 6.65 -23.82
N GLU B 295 -9.24 7.40 -23.36
CA GLU B 295 -8.54 7.04 -22.12
C GLU B 295 -9.50 7.08 -20.93
N GLN B 296 -10.28 8.15 -20.79
CA GLN B 296 -11.20 8.22 -19.65
C GLN B 296 -12.32 7.16 -19.75
N LEU B 297 -12.80 6.90 -20.96
CA LEU B 297 -13.78 5.82 -21.17
C LEU B 297 -13.19 4.47 -20.73
N PHE B 298 -11.96 4.20 -21.15
CA PHE B 298 -11.30 2.96 -20.78
C PHE B 298 -11.12 2.82 -19.26
N GLN B 299 -10.54 3.85 -18.63
CA GLN B 299 -10.25 3.82 -17.21
C GLN B 299 -11.51 3.73 -16.36
N THR B 300 -12.54 4.49 -16.74
CA THR B 300 -13.78 4.48 -15.96
C THR B 300 -14.50 3.13 -16.07
N SER B 301 -14.49 2.55 -17.27
CA SER B 301 -15.05 1.22 -17.48
C SER B 301 -14.33 0.17 -16.62
N ARG B 302 -13.00 0.26 -16.54
CA ARG B 302 -12.22 -0.63 -15.68
C ARG B 302 -12.65 -0.53 -14.22
N LEU B 303 -12.83 0.69 -13.73
CA LEU B 303 -13.25 0.87 -12.34
C LEU B 303 -14.64 0.28 -12.11
N ILE B 304 -15.54 0.46 -13.08
CA ILE B 304 -16.87 -0.13 -13.02
C ILE B 304 -16.80 -1.65 -13.00
N LEU B 305 -16.01 -2.23 -13.90
CA LEU B 305 -15.85 -3.69 -13.91
C LEU B 305 -15.25 -4.23 -12.61
N ILE B 306 -14.33 -3.48 -12.00
CA ILE B 306 -13.78 -3.88 -10.69
C ILE B 306 -14.92 -3.95 -9.67
N GLY B 307 -15.74 -2.90 -9.64
CA GLY B 307 -16.92 -2.85 -8.79
C GLY B 307 -17.91 -3.98 -9.03
N GLU B 308 -18.22 -4.24 -10.30
CA GLU B 308 -19.10 -5.35 -10.66
C GLU B 308 -18.57 -6.68 -10.15
N THR B 309 -17.26 -6.87 -10.28
CA THR B 309 -16.61 -8.11 -9.87
C THR B 309 -16.77 -8.31 -8.37
N ILE B 310 -16.46 -7.28 -7.58
CA ILE B 310 -16.57 -7.40 -6.12
C ILE B 310 -18.04 -7.64 -5.72
N LYS B 311 -18.97 -6.94 -6.38
CA LYS B 311 -20.40 -7.13 -6.14
C LYS B 311 -20.84 -8.58 -6.36
N ILE B 312 -20.46 -9.14 -7.51
CA ILE B 312 -20.83 -10.50 -7.86
C ILE B 312 -20.15 -11.53 -6.95
N VAL B 313 -18.87 -11.29 -6.64
CA VAL B 313 -18.14 -12.18 -5.75
C VAL B 313 -18.82 -12.29 -4.38
N ILE B 314 -19.27 -11.17 -3.83
CA ILE B 314 -19.93 -11.19 -2.52
C ILE B 314 -21.36 -11.72 -2.58
N GLU B 315 -22.19 -11.11 -3.43
CA GLU B 315 -23.63 -11.36 -3.37
C GLU B 315 -24.14 -12.58 -4.15
N ASP B 316 -23.32 -13.12 -5.06
CA ASP B 316 -23.65 -14.35 -5.78
C ASP B 316 -22.74 -15.51 -5.39
N TYR B 317 -21.43 -15.30 -5.56
CA TYR B 317 -20.43 -16.37 -5.46
C TYR B 317 -20.21 -16.80 -4.00
N VAL B 318 -19.78 -15.87 -3.16
CA VAL B 318 -19.62 -16.14 -1.73
C VAL B 318 -20.99 -16.49 -1.11
N GLN B 319 -22.04 -15.78 -1.52
CA GLN B 319 -23.39 -16.10 -1.05
C GLN B 319 -23.66 -17.59 -1.24
N HIS B 320 -23.42 -18.09 -2.44
CA HIS B 320 -23.67 -19.50 -2.73
C HIS B 320 -22.80 -20.44 -1.91
N LEU B 321 -21.49 -20.25 -1.93
CA LEU B 321 -20.58 -21.19 -1.26
C LEU B 321 -20.74 -21.16 0.27
N SER B 322 -21.19 -20.02 0.81
CA SER B 322 -21.41 -19.90 2.26
C SER B 322 -22.52 -20.83 2.74
N GLY B 323 -23.58 -20.95 1.94
CA GLY B 323 -24.76 -21.70 2.31
C GLY B 323 -25.68 -20.97 3.28
N TYR B 324 -25.40 -19.68 3.53
CA TYR B 324 -26.13 -18.95 4.56
C TYR B 324 -27.48 -18.51 4.02
N HIS B 325 -28.47 -18.45 4.92
CA HIS B 325 -29.77 -17.89 4.59
C HIS B 325 -29.73 -16.35 4.69
N PHE B 326 -28.77 -15.84 5.45
CA PHE B 326 -28.53 -14.40 5.52
C PHE B 326 -28.07 -13.88 4.15
N LYS B 327 -28.65 -12.75 3.72
CA LYS B 327 -28.35 -12.17 2.42
C LYS B 327 -27.16 -11.23 2.55
N LEU B 328 -26.01 -11.67 2.07
CA LEU B 328 -24.79 -10.87 2.13
C LEU B 328 -24.96 -9.62 1.29
N LYS B 329 -24.14 -8.61 1.58
CA LYS B 329 -24.26 -7.31 0.94
C LYS B 329 -22.88 -6.74 0.60
N PHE B 330 -22.73 -6.24 -0.63
CA PHE B 330 -21.57 -5.44 -0.99
C PHE B 330 -21.93 -3.98 -0.75
N ASP B 331 -21.36 -3.41 0.31
CA ASP B 331 -21.66 -2.03 0.71
C ASP B 331 -20.44 -1.47 1.43
N PRO B 332 -19.54 -0.81 0.68
CA PRO B 332 -18.36 -0.18 1.29
C PRO B 332 -18.67 0.79 2.44
N GLU B 333 -19.85 1.40 2.42
CA GLU B 333 -20.22 2.36 3.47
C GLU B 333 -20.30 1.75 4.86
N LEU B 334 -20.49 0.43 4.92
CA LEU B 334 -20.52 -0.29 6.20
C LEU B 334 -19.23 -0.16 7.00
N LEU B 335 -18.11 0.06 6.31
CA LEU B 335 -16.81 0.18 6.98
C LEU B 335 -16.36 1.62 7.27
N PHE B 336 -17.15 2.62 6.87
CA PHE B 336 -16.71 4.01 6.97
C PHE B 336 -16.61 4.53 8.41
N ASN B 337 -17.33 3.93 9.35
CA ASN B 337 -17.15 4.26 10.77
C ASN B 337 -16.35 3.22 11.56
N GLN B 338 -15.66 2.34 10.85
CA GLN B 338 -14.88 1.26 11.45
C GLN B 338 -13.40 1.46 11.15
N GLN B 339 -12.55 0.92 12.02
CA GLN B 339 -11.12 0.83 11.73
C GLN B 339 -10.91 -0.27 10.70
N PHE B 340 -10.26 0.08 9.59
CA PHE B 340 -10.08 -0.85 8.49
C PHE B 340 -8.99 -0.31 7.58
N GLN B 341 -8.11 -1.20 7.12
CA GLN B 341 -7.01 -0.81 6.23
C GLN B 341 -7.35 -1.14 4.78
N TYR B 342 -7.41 -0.10 3.94
CA TYR B 342 -7.69 -0.28 2.52
C TYR B 342 -6.40 -0.65 1.79
N GLN B 343 -5.95 -1.87 2.05
CA GLN B 343 -4.79 -2.46 1.40
C GLN B 343 -4.85 -3.97 1.60
N ASN B 344 -4.12 -4.72 0.78
CA ASN B 344 -4.08 -6.16 0.91
C ASN B 344 -2.81 -6.70 0.27
N ARG B 345 -2.30 -7.78 0.85
CA ARG B 345 -1.19 -8.54 0.28
C ARG B 345 -1.66 -10.00 0.24
N ILE B 346 -1.50 -10.65 -0.90
CA ILE B 346 -2.00 -12.01 -1.08
C ILE B 346 -1.13 -13.01 -0.31
N ALA B 347 -1.78 -13.82 0.52
CA ALA B 347 -1.11 -14.83 1.32
C ALA B 347 -0.90 -16.14 0.56
N SER B 348 0.27 -16.73 0.73
CA SER B 348 0.58 -18.03 0.14
C SER B 348 -0.44 -19.10 0.59
N GLU B 349 -0.86 -19.02 1.84
CA GLU B 349 -1.80 -20.01 2.38
C GLU B 349 -3.17 -19.88 1.76
N PHE B 350 -3.55 -18.66 1.38
CA PHE B 350 -4.80 -18.41 0.66
C PHE B 350 -4.75 -19.08 -0.71
N ASN B 351 -3.62 -18.92 -1.39
CA ASN B 351 -3.36 -19.62 -2.67
C ASN B 351 -3.50 -21.13 -2.48
N THR B 352 -2.78 -21.68 -1.51
CA THR B 352 -2.83 -23.12 -1.24
C THR B 352 -4.25 -23.65 -0.96
N LEU B 353 -5.00 -22.98 -0.09
CA LEU B 353 -6.32 -23.47 0.28
C LEU B 353 -7.32 -23.42 -0.89
N TYR B 354 -7.04 -22.57 -1.87
CA TYR B 354 -7.94 -22.36 -3.01
C TYR B 354 -7.69 -23.34 -4.15
N HIS B 355 -6.83 -24.34 -3.93
CA HIS B 355 -6.62 -25.39 -4.93
C HIS B 355 -7.78 -26.39 -4.87
N TRP B 356 -8.93 -25.95 -5.36
CA TRP B 356 -10.19 -26.68 -5.25
C TRP B 356 -10.38 -27.65 -6.42
N HIS B 357 -9.38 -28.49 -6.66
CA HIS B 357 -9.44 -29.41 -7.81
C HIS B 357 -10.55 -30.47 -7.73
N PRO B 358 -10.99 -30.84 -6.52
CA PRO B 358 -12.14 -31.77 -6.47
C PRO B 358 -13.43 -31.24 -7.10
N LEU B 359 -13.56 -29.91 -7.27
CA LEU B 359 -14.72 -29.36 -7.99
C LEU B 359 -14.86 -29.95 -9.39
N LEU B 360 -13.73 -30.26 -10.02
CA LEU B 360 -13.73 -30.70 -11.40
C LEU B 360 -14.42 -32.07 -11.60
N PRO B 361 -15.21 -32.19 -12.67
CA PRO B 361 -15.89 -33.43 -13.00
C PRO B 361 -14.96 -34.40 -13.70
N ASP B 362 -15.44 -35.61 -13.96
CA ASP B 362 -14.69 -36.62 -14.73
C ASP B 362 -14.63 -36.27 -16.21
N THR B 363 -15.72 -35.67 -16.70
CA THR B 363 -15.83 -35.22 -18.08
C THR B 363 -16.55 -33.89 -18.10
N PHE B 364 -16.35 -33.13 -19.17
CA PHE B 364 -16.98 -31.81 -19.33
C PHE B 364 -18.11 -31.96 -20.32
N ASN B 365 -19.33 -31.78 -19.82
CA ASN B 365 -20.53 -32.11 -20.57
C ASN B 365 -21.16 -30.86 -21.18
N ILE B 366 -21.00 -30.71 -22.49
CA ILE B 366 -21.52 -29.56 -23.22
C ILE B 366 -22.47 -30.04 -24.31
N GLU B 367 -23.71 -29.57 -24.23
CA GLU B 367 -24.77 -30.02 -25.13
C GLU B 367 -24.87 -31.55 -24.98
N ASP B 368 -24.69 -32.32 -26.04
CA ASP B 368 -24.72 -33.78 -25.94
C ASP B 368 -23.34 -34.43 -26.03
N GLN B 369 -22.28 -33.64 -25.82
CA GLN B 369 -20.91 -34.16 -25.86
C GLN B 369 -20.35 -34.28 -24.45
N GLU B 370 -19.50 -35.29 -24.23
CA GLU B 370 -18.83 -35.49 -22.96
C GLU B 370 -17.32 -35.50 -23.17
N TYR B 371 -16.69 -34.35 -22.97
CA TYR B 371 -15.28 -34.18 -23.27
C TYR B 371 -14.40 -34.68 -22.14
N SER B 372 -13.36 -35.43 -22.47
CA SER B 372 -12.34 -35.82 -21.50
C SER B 372 -11.45 -34.61 -21.21
N PHE B 373 -10.65 -34.71 -20.16
CA PHE B 373 -9.64 -33.70 -19.86
C PHE B 373 -8.71 -33.46 -21.03
N LYS B 374 -8.27 -34.55 -21.67
CA LYS B 374 -7.35 -34.44 -22.81
C LYS B 374 -8.00 -33.70 -23.99
N GLN B 375 -9.28 -33.96 -24.22
CA GLN B 375 -10.02 -33.28 -25.29
C GLN B 375 -10.31 -31.82 -24.95
N PHE B 376 -10.50 -31.54 -23.67
CA PHE B 376 -10.95 -30.23 -23.21
C PHE B 376 -9.81 -29.21 -23.15
N LEU B 377 -8.65 -29.64 -22.65
CA LEU B 377 -7.52 -28.72 -22.42
C LEU B 377 -6.97 -28.09 -23.71
N TYR B 378 -6.67 -26.79 -23.65
CA TYR B 378 -6.14 -26.01 -24.77
C TYR B 378 -6.97 -26.14 -26.05
N ASN B 379 -8.28 -26.26 -25.91
CA ASN B 379 -9.14 -26.52 -27.05
C ASN B 379 -10.26 -25.48 -27.15
N ASN B 380 -9.90 -24.30 -27.66
CA ASN B 380 -10.87 -23.22 -27.86
C ASN B 380 -11.88 -23.52 -28.99
N SER B 381 -11.58 -24.50 -29.84
CA SER B 381 -12.52 -24.89 -30.89
C SER B 381 -13.84 -25.44 -30.31
N ILE B 382 -13.77 -25.99 -29.10
CA ILE B 382 -14.98 -26.43 -28.39
C ILE B 382 -15.88 -25.22 -28.10
N LEU B 383 -15.27 -24.11 -27.67
CA LEU B 383 -16.01 -22.87 -27.42
C LEU B 383 -16.65 -22.34 -28.69
N LEU B 384 -15.90 -22.31 -29.79
CA LEU B 384 -16.44 -21.82 -31.07
C LEU B 384 -17.54 -22.74 -31.61
N GLU B 385 -17.35 -24.05 -31.44
CA GLU B 385 -18.31 -25.03 -31.93
C GLU B 385 -19.68 -24.90 -31.26
N HIS B 386 -19.69 -24.80 -29.94
CA HIS B 386 -20.94 -24.77 -29.17
C HIS B 386 -21.47 -23.35 -28.98
N GLY B 387 -20.57 -22.38 -28.80
CA GLY B 387 -20.95 -20.99 -28.52
C GLY B 387 -21.21 -20.75 -27.05
N LEU B 388 -21.18 -19.47 -26.66
CA LEU B 388 -21.32 -19.10 -25.25
C LEU B 388 -22.66 -19.48 -24.65
N THR B 389 -23.74 -19.33 -25.44
CA THR B 389 -25.08 -19.65 -24.94
C THR B 389 -25.12 -21.10 -24.47
N GLN B 390 -24.67 -22.01 -25.33
CA GLN B 390 -24.66 -23.44 -24.98
C GLN B 390 -23.69 -23.75 -23.85
N PHE B 391 -22.55 -23.06 -23.81
CA PHE B 391 -21.61 -23.21 -22.70
C PHE B 391 -22.27 -22.87 -21.37
N VAL B 392 -22.96 -21.73 -21.32
CA VAL B 392 -23.63 -21.29 -20.09
C VAL B 392 -24.76 -22.26 -19.71
N GLU B 393 -25.61 -22.61 -20.66
CA GLU B 393 -26.71 -23.55 -20.38
C GLU B 393 -26.17 -24.87 -19.84
N SER B 394 -25.11 -25.38 -20.47
CA SER B 394 -24.52 -26.66 -20.07
C SER B 394 -23.79 -26.61 -18.72
N PHE B 395 -22.94 -25.59 -18.53
CA PHE B 395 -22.21 -25.43 -17.26
C PHE B 395 -23.14 -25.15 -16.09
N THR B 396 -24.25 -24.47 -16.34
CA THR B 396 -25.22 -24.19 -15.28
C THR B 396 -25.88 -25.47 -14.76
N ARG B 397 -26.06 -26.46 -15.65
CA ARG B 397 -26.68 -27.73 -15.30
C ARG B 397 -25.73 -28.78 -14.73
N GLN B 398 -24.43 -28.68 -15.03
CA GLN B 398 -23.48 -29.72 -14.62
C GLN B 398 -22.98 -29.52 -13.20
N ILE B 399 -23.19 -30.53 -12.35
CA ILE B 399 -22.79 -30.47 -10.95
C ILE B 399 -21.27 -30.58 -10.79
N ALA B 400 -20.74 -29.83 -9.82
CA ALA B 400 -19.33 -29.90 -9.43
C ALA B 400 -19.12 -30.89 -8.29
N GLY B 401 -17.85 -31.25 -8.07
CA GLY B 401 -17.50 -32.18 -7.01
C GLY B 401 -17.37 -31.54 -5.63
N ARG B 402 -17.58 -32.34 -4.60
CA ARG B 402 -17.38 -31.92 -3.21
C ARG B 402 -15.88 -31.76 -2.92
N VAL B 403 -15.52 -30.69 -2.22
CA VAL B 403 -14.10 -30.39 -1.95
C VAL B 403 -13.59 -31.04 -0.66
N ALA B 404 -14.33 -30.88 0.43
CA ALA B 404 -13.99 -31.58 1.69
C ALA B 404 -14.50 -33.02 1.63
N GLY B 405 -14.18 -33.82 2.65
CA GLY B 405 -14.71 -35.18 2.76
C GLY B 405 -13.87 -36.29 2.15
N GLY B 406 -12.77 -35.91 1.47
CA GLY B 406 -11.76 -36.86 1.03
C GLY B 406 -12.02 -37.54 -0.30
N ARG B 407 -10.95 -38.09 -0.88
CA ARG B 407 -11.01 -38.96 -2.05
C ARG B 407 -11.87 -38.42 -3.19
N ASN B 408 -11.62 -37.18 -3.59
CA ASN B 408 -12.39 -36.61 -4.70
C ASN B 408 -11.57 -35.74 -5.67
N VAL B 409 -10.25 -35.87 -5.66
CA VAL B 409 -9.40 -35.20 -6.63
C VAL B 409 -9.37 -36.02 -7.92
N PRO B 410 -9.73 -35.42 -9.06
CA PRO B 410 -9.72 -36.20 -10.30
C PRO B 410 -8.32 -36.71 -10.63
N ILE B 411 -8.23 -37.94 -11.10
CA ILE B 411 -6.94 -38.54 -11.42
C ILE B 411 -6.21 -37.77 -12.52
N ALA B 412 -6.97 -37.19 -13.45
CA ALA B 412 -6.39 -36.34 -14.51
C ALA B 412 -5.49 -35.21 -13.99
N VAL B 413 -5.78 -34.69 -12.80
CA VAL B 413 -4.96 -33.62 -12.20
C VAL B 413 -4.19 -34.07 -10.96
N GLN B 414 -3.84 -35.35 -10.89
CA GLN B 414 -3.16 -35.88 -9.71
C GLN B 414 -1.80 -35.20 -9.46
N ALA B 415 -1.09 -34.87 -10.54
CA ALA B 415 0.22 -34.21 -10.43
C ALA B 415 0.11 -32.80 -9.85
N VAL B 416 -0.98 -32.10 -10.15
CA VAL B 416 -1.23 -30.77 -9.62
C VAL B 416 -1.51 -30.84 -8.11
N ALA B 417 -2.31 -31.83 -7.71
CA ALA B 417 -2.60 -32.05 -6.30
C ALA B 417 -1.33 -32.39 -5.53
N LYS B 418 -0.49 -33.25 -6.10
CA LYS B 418 0.79 -33.62 -5.46
C LYS B 418 1.69 -32.40 -5.32
N ALA B 419 1.71 -31.57 -6.35
CA ALA B 419 2.49 -30.34 -6.34
C ALA B 419 2.08 -29.39 -5.23
N SER B 420 0.79 -29.33 -4.93
CA SER B 420 0.29 -28.50 -3.83
C SER B 420 0.86 -28.96 -2.50
N ILE B 421 0.93 -30.27 -2.30
CA ILE B 421 1.52 -30.84 -1.10
C ILE B 421 3.01 -30.53 -1.05
N ASP B 422 3.70 -30.87 -2.13
CA ASP B 422 5.16 -30.75 -2.19
C ASP B 422 5.61 -29.29 -2.03
N GLN B 423 4.90 -28.38 -2.67
CA GLN B 423 5.25 -26.96 -2.62
C GLN B 423 5.00 -26.32 -1.25
N SER B 424 3.92 -26.74 -0.57
CA SER B 424 3.70 -26.37 0.83
C SER B 424 4.91 -26.74 1.69
N ARG B 425 5.47 -27.93 1.45
CA ARG B 425 6.63 -28.40 2.20
C ARG B 425 7.87 -27.60 1.86
N GLU B 426 8.07 -27.33 0.56
CA GLU B 426 9.18 -26.50 0.09
C GLU B 426 9.15 -25.14 0.78
N MET B 427 7.94 -24.60 0.93
CA MET B 427 7.74 -23.28 1.56
C MET B 427 7.70 -23.35 3.08
N LYS B 428 7.98 -24.52 3.64
CA LYS B 428 8.10 -24.72 5.09
C LYS B 428 6.87 -24.27 5.87
N TYR B 429 5.71 -24.70 5.38
CA TYR B 429 4.44 -24.47 6.07
C TYR B 429 4.42 -25.15 7.42
N GLN B 430 3.91 -24.44 8.41
CA GLN B 430 3.55 -25.03 9.70
C GLN B 430 2.36 -25.98 9.52
N SER B 431 2.04 -26.70 10.59
CA SER B 431 1.04 -27.78 10.54
C SER B 431 -0.39 -27.26 10.49
N LEU B 432 -1.30 -28.15 10.11
CA LEU B 432 -2.74 -27.89 10.20
C LEU B 432 -3.13 -27.28 11.54
N ASN B 433 -2.72 -27.91 12.64
CA ASN B 433 -3.14 -27.44 13.96
C ASN B 433 -2.56 -26.07 14.35
N GLU B 434 -1.35 -25.76 13.89
CA GLU B 434 -0.82 -24.41 14.06
C GLU B 434 -1.68 -23.39 13.30
N TYR B 435 -2.08 -23.72 12.08
CA TYR B 435 -2.96 -22.84 11.31
C TYR B 435 -4.36 -22.74 11.92
N ARG B 436 -4.87 -23.84 12.47
CA ARG B 436 -6.14 -23.78 13.19
C ARG B 436 -6.06 -22.78 14.35
N LYS B 437 -5.03 -22.88 15.18
CA LYS B 437 -4.85 -21.95 16.30
C LYS B 437 -4.74 -20.50 15.81
N ARG B 438 -4.01 -20.30 14.71
CA ARG B 438 -3.83 -18.97 14.13
C ARG B 438 -5.16 -18.29 13.79
N PHE B 439 -6.17 -19.08 13.42
CA PHE B 439 -7.49 -18.56 13.07
C PHE B 439 -8.56 -18.89 14.14
N SER B 440 -8.09 -19.03 15.38
CA SER B 440 -8.94 -19.15 16.58
C SER B 440 -9.74 -20.44 16.64
N LEU B 441 -9.19 -21.50 16.04
CA LEU B 441 -9.84 -22.80 16.01
C LEU B 441 -9.17 -23.73 17.01
N LYS B 442 -9.94 -24.66 17.56
CA LYS B 442 -9.41 -25.66 18.48
C LYS B 442 -8.61 -26.70 17.68
N PRO B 443 -7.37 -27.01 18.13
CA PRO B 443 -6.63 -28.08 17.47
C PRO B 443 -7.39 -29.40 17.48
N TYR B 444 -7.31 -30.13 16.36
CA TYR B 444 -7.82 -31.50 16.33
C TYR B 444 -6.97 -32.38 17.24
N THR B 445 -7.63 -33.28 17.96
CA THR B 445 -6.96 -34.15 18.92
C THR B 445 -6.76 -35.57 18.37
N SER B 446 -7.31 -35.85 17.20
CA SER B 446 -7.14 -37.13 16.53
C SER B 446 -7.45 -37.00 15.04
N PHE B 447 -7.05 -37.99 14.25
CA PHE B 447 -7.36 -38.02 12.83
C PHE B 447 -8.84 -38.32 12.59
N GLU B 448 -9.44 -39.11 13.47
CA GLU B 448 -10.88 -39.37 13.40
C GLU B 448 -11.70 -38.09 13.62
N GLU B 449 -11.24 -37.21 14.51
CA GLU B 449 -11.91 -35.92 14.71
C GLU B 449 -11.84 -35.08 13.43
N LEU B 450 -10.68 -35.10 12.79
CA LEU B 450 -10.47 -34.37 11.52
C LEU B 450 -11.44 -34.82 10.43
N THR B 451 -11.50 -36.12 10.19
CA THR B 451 -12.24 -36.66 9.06
C THR B 451 -13.72 -36.97 9.36
N GLY B 452 -14.03 -37.20 10.64
CA GLY B 452 -15.38 -37.62 11.04
C GLY B 452 -15.66 -39.06 10.67
N GLU B 453 -14.59 -39.84 10.52
CA GLU B 453 -14.68 -41.17 9.93
C GLU B 453 -13.47 -42.02 10.33
N LYS B 454 -13.51 -43.32 10.07
CA LYS B 454 -12.49 -44.24 10.57
C LYS B 454 -11.43 -44.63 9.55
N GLU B 455 -11.83 -44.87 8.30
CA GLU B 455 -10.94 -45.47 7.29
C GLU B 455 -9.78 -44.55 6.88
N MET B 456 -10.10 -43.38 6.32
CA MET B 456 -9.07 -42.39 5.96
C MET B 456 -8.28 -41.94 7.19
N ALA B 457 -8.96 -41.79 8.32
CA ALA B 457 -8.30 -41.40 9.56
C ALA B 457 -7.18 -42.36 9.91
N ALA B 458 -7.46 -43.66 9.81
CA ALA B 458 -6.46 -44.70 10.09
C ALA B 458 -5.30 -44.70 9.09
N GLU B 459 -5.61 -44.45 7.82
CA GLU B 459 -4.58 -44.30 6.79
C GLU B 459 -3.64 -43.14 7.13
N LEU B 460 -4.22 -42.02 7.55
CA LEU B 460 -3.45 -40.83 7.90
C LEU B 460 -2.62 -41.04 9.16
N LYS B 461 -3.19 -41.71 10.16
CA LYS B 461 -2.46 -41.96 11.39
C LYS B 461 -1.20 -42.81 11.12
N ALA B 462 -1.35 -43.82 10.27
CA ALA B 462 -0.21 -44.66 9.89
C ALA B 462 0.87 -43.87 9.15
N LEU B 463 0.45 -42.89 8.36
CA LEU B 463 1.39 -42.05 7.62
C LEU B 463 2.03 -40.97 8.50
N TYR B 464 1.21 -40.24 9.27
CA TYR B 464 1.70 -39.07 10.01
C TYR B 464 2.06 -39.32 11.47
N SER B 465 1.47 -40.36 12.08
CA SER B 465 1.65 -40.72 13.50
C SER B 465 0.96 -39.74 14.47
N ASP B 466 1.38 -38.48 14.43
CA ASP B 466 0.89 -37.43 15.31
C ASP B 466 -0.03 -36.46 14.54
N ILE B 467 -1.24 -36.26 15.04
CA ILE B 467 -2.19 -35.30 14.47
C ILE B 467 -1.61 -33.87 14.41
N ASP B 468 -0.72 -33.54 15.35
CA ASP B 468 -0.06 -32.24 15.37
C ASP B 468 1.00 -32.05 14.27
N VAL B 469 1.26 -33.10 13.49
CA VAL B 469 2.15 -33.02 12.32
C VAL B 469 1.35 -33.10 10.99
N MET B 470 0.04 -33.28 11.07
CA MET B 470 -0.80 -33.30 9.88
C MET B 470 -0.69 -31.97 9.11
N GLU B 471 -0.67 -32.06 7.79
CA GLU B 471 -0.48 -30.89 6.91
C GLU B 471 -1.77 -30.19 6.53
N LEU B 472 -1.68 -28.88 6.34
CA LEU B 472 -2.84 -28.04 6.01
C LEU B 472 -3.59 -28.48 4.75
N TYR B 473 -2.88 -28.59 3.62
CA TYR B 473 -3.55 -28.80 2.33
C TYR B 473 -4.32 -30.14 2.26
N PRO B 474 -3.64 -31.27 2.53
CA PRO B 474 -4.42 -32.51 2.51
C PRO B 474 -5.57 -32.52 3.53
N ALA B 475 -5.36 -31.87 4.68
CA ALA B 475 -6.40 -31.81 5.71
C ALA B 475 -7.67 -31.11 5.21
N LEU B 476 -7.52 -30.02 4.46
CA LEU B 476 -8.66 -29.28 3.90
C LEU B 476 -9.52 -30.17 3.00
N LEU B 477 -8.87 -31.06 2.26
CA LEU B 477 -9.56 -31.94 1.32
C LEU B 477 -10.12 -33.22 1.94
N VAL B 478 -9.65 -33.61 3.13
CA VAL B 478 -10.19 -34.80 3.82
C VAL B 478 -11.07 -34.45 5.03
N GLU B 479 -11.16 -33.17 5.35
CA GLU B 479 -11.87 -32.73 6.55
C GLU B 479 -13.35 -33.11 6.51
N LYS B 480 -13.89 -33.43 7.67
CA LYS B 480 -15.33 -33.68 7.81
C LYS B 480 -16.06 -32.46 7.30
N PRO B 481 -16.91 -32.62 6.27
CA PRO B 481 -17.66 -31.44 5.83
C PRO B 481 -18.72 -31.05 6.85
N ARG B 482 -19.14 -29.79 6.83
CA ARG B 482 -20.37 -29.40 7.52
C ARG B 482 -21.52 -30.20 6.89
N PRO B 483 -22.62 -30.39 7.64
CA PRO B 483 -23.72 -31.23 7.15
C PRO B 483 -24.21 -30.80 5.77
N ASP B 484 -24.13 -31.72 4.81
CA ASP B 484 -24.52 -31.46 3.42
C ASP B 484 -23.84 -30.21 2.83
N ALA B 485 -22.61 -29.95 3.27
CA ALA B 485 -21.85 -28.77 2.82
C ALA B 485 -20.64 -29.17 1.98
N ILE B 486 -20.14 -28.21 1.20
CA ILE B 486 -18.97 -28.43 0.35
C ILE B 486 -17.64 -28.41 1.12
N PHE B 487 -17.61 -27.68 2.23
CA PHE B 487 -16.39 -27.46 3.00
C PHE B 487 -16.53 -27.86 4.46
N GLY B 488 -15.39 -28.14 5.09
CA GLY B 488 -15.31 -28.25 6.54
C GLY B 488 -14.90 -26.94 7.18
N GLU B 489 -14.83 -26.94 8.51
CA GLU B 489 -14.56 -25.75 9.30
C GLU B 489 -13.27 -25.01 8.93
N THR B 490 -12.18 -25.73 8.74
CA THR B 490 -10.89 -25.10 8.48
C THR B 490 -10.90 -24.29 7.19
N MET B 491 -11.54 -24.81 6.14
CA MET B 491 -11.61 -24.10 4.86
C MET B 491 -12.35 -22.76 5.02
N VAL B 492 -13.48 -22.78 5.71
CA VAL B 492 -14.27 -21.56 5.86
C VAL B 492 -13.57 -20.54 6.75
N GLU B 493 -13.01 -20.99 7.86
CA GLU B 493 -12.45 -20.06 8.85
C GLU B 493 -11.11 -19.45 8.46
N LEU B 494 -10.40 -20.10 7.52
CA LEU B 494 -9.21 -19.51 6.89
C LEU B 494 -9.59 -18.74 5.62
N GLY B 495 -10.41 -19.36 4.78
CA GLY B 495 -10.83 -18.78 3.50
C GLY B 495 -11.52 -17.44 3.64
N ALA B 496 -12.44 -17.33 4.60
CA ALA B 496 -13.28 -16.13 4.73
C ALA B 496 -12.50 -14.86 5.05
N PRO B 497 -11.60 -14.89 6.06
CA PRO B 497 -10.78 -13.71 6.34
C PRO B 497 -9.94 -13.24 5.14
N PHE B 498 -9.24 -14.16 4.50
CA PHE B 498 -8.44 -13.81 3.32
C PHE B 498 -9.33 -13.21 2.24
N SER B 499 -10.47 -13.85 1.99
CA SER B 499 -11.37 -13.43 0.91
C SER B 499 -11.97 -12.04 1.12
N LEU B 500 -12.62 -11.83 2.26
CA LEU B 500 -13.34 -10.58 2.50
C LEU B 500 -12.40 -9.39 2.64
N LYS B 501 -11.25 -9.60 3.27
CA LYS B 501 -10.24 -8.57 3.36
C LYS B 501 -9.74 -8.16 1.97
N GLY B 502 -9.51 -9.13 1.10
CA GLY B 502 -9.07 -8.88 -0.27
C GLY B 502 -10.09 -8.09 -1.07
N LEU B 503 -11.37 -8.35 -0.84
CA LEU B 503 -12.43 -7.66 -1.56
C LEU B 503 -12.63 -6.23 -1.05
N MET B 504 -12.78 -6.08 0.26
CA MET B 504 -13.05 -4.75 0.83
C MET B 504 -11.80 -3.87 0.92
N GLY B 505 -10.62 -4.47 0.91
CA GLY B 505 -9.36 -3.72 0.93
C GLY B 505 -9.06 -2.94 -0.35
N ASN B 506 -9.81 -3.21 -1.41
CA ASN B 506 -9.62 -2.52 -2.69
C ASN B 506 -9.83 -1.01 -2.54
N PRO B 507 -9.00 -0.19 -3.21
CA PRO B 507 -9.18 1.26 -3.05
C PRO B 507 -10.54 1.79 -3.50
N ILE B 508 -11.24 1.10 -4.40
CA ILE B 508 -12.57 1.60 -4.82
C ILE B 508 -13.57 1.55 -3.66
N CYS B 509 -13.30 0.75 -2.64
CA CYS B 509 -14.14 0.69 -1.44
C CYS B 509 -13.83 1.77 -0.41
N SER B 510 -12.77 2.53 -0.63
CA SER B 510 -12.41 3.59 0.31
C SER B 510 -13.32 4.80 0.12
N PRO B 511 -13.53 5.60 1.18
CA PRO B 511 -14.46 6.73 1.09
C PRO B 511 -14.15 7.74 -0.03
N GLN B 512 -12.88 8.00 -0.35
CA GLN B 512 -12.60 8.98 -1.42
C GLN B 512 -12.87 8.43 -2.82
N TYR B 513 -12.93 7.10 -2.96
CA TYR B 513 -13.32 6.47 -4.23
C TYR B 513 -14.81 6.15 -4.35
N TRP B 514 -15.43 5.74 -3.24
CA TRP B 514 -16.81 5.23 -3.30
C TRP B 514 -17.83 6.35 -3.44
N LYS B 515 -17.85 6.94 -4.63
CA LYS B 515 -18.69 8.08 -4.95
C LYS B 515 -19.13 7.94 -6.42
N PRO B 516 -20.33 8.44 -6.77
CA PRO B 516 -20.77 8.31 -8.16
C PRO B 516 -19.79 8.87 -9.19
N SER B 517 -19.16 10.01 -8.91
CA SER B 517 -18.26 10.65 -9.88
C SER B 517 -17.05 9.78 -10.27
N THR B 518 -16.61 8.91 -9.37
CA THR B 518 -15.52 7.95 -9.66
C THR B 518 -15.86 7.08 -10.87
N PHE B 519 -17.15 6.76 -11.00
CA PHE B 519 -17.61 5.80 -12.01
C PHE B 519 -18.40 6.48 -13.14
N GLY B 520 -18.14 7.76 -13.37
CA GLY B 520 -18.78 8.52 -14.43
C GLY B 520 -20.21 8.95 -14.15
N GLY B 521 -20.61 8.95 -12.88
CA GLY B 521 -21.93 9.42 -12.48
C GLY B 521 -22.85 8.32 -12.01
N GLU B 522 -24.10 8.68 -11.74
CA GLU B 522 -25.05 7.74 -11.12
C GLU B 522 -25.34 6.51 -11.99
N VAL B 523 -25.33 6.67 -13.31
CA VAL B 523 -25.57 5.53 -14.21
C VAL B 523 -24.44 4.51 -14.11
N GLY B 524 -23.20 5.00 -14.13
CA GLY B 524 -22.04 4.14 -13.95
C GLY B 524 -22.06 3.46 -12.59
N PHE B 525 -22.39 4.23 -11.57
CA PHE B 525 -22.44 3.74 -10.18
C PHE B 525 -23.50 2.65 -10.03
N LYS B 526 -24.64 2.83 -10.70
CA LYS B 526 -25.72 1.87 -10.63
C LYS B 526 -25.38 0.54 -11.32
N ILE B 527 -24.52 0.57 -12.34
CA ILE B 527 -24.06 -0.68 -12.96
C ILE B 527 -23.41 -1.56 -11.89
N ILE B 528 -22.58 -0.96 -11.04
CA ILE B 528 -21.94 -1.68 -9.96
C ILE B 528 -22.95 -2.21 -8.95
N ASN B 529 -23.81 -1.33 -8.46
CA ASN B 529 -24.69 -1.67 -7.34
C ASN B 529 -25.85 -2.59 -7.70
N THR B 530 -26.06 -2.85 -8.99
CA THR B 530 -27.08 -3.77 -9.46
C THR B 530 -26.52 -5.01 -10.18
N ALA B 531 -25.19 -5.15 -10.22
CA ALA B 531 -24.55 -6.24 -10.94
C ALA B 531 -24.83 -7.60 -10.31
N SER B 532 -24.90 -8.63 -11.14
CA SER B 532 -25.06 -10.01 -10.68
C SER B 532 -24.49 -10.97 -11.73
N ILE B 533 -24.31 -12.22 -11.36
CA ILE B 533 -23.84 -13.20 -12.34
C ILE B 533 -24.88 -13.35 -13.45
N GLN B 534 -26.16 -13.31 -13.10
CA GLN B 534 -27.22 -13.38 -14.10
C GLN B 534 -27.19 -12.18 -15.04
N SER B 535 -27.00 -10.97 -14.51
CA SER B 535 -27.01 -9.77 -15.35
C SER B 535 -25.81 -9.76 -16.31
N LEU B 536 -24.66 -10.19 -15.80
CA LEU B 536 -23.43 -10.31 -16.61
C LEU B 536 -23.66 -11.24 -17.80
N ILE B 537 -24.25 -12.39 -17.55
CA ILE B 537 -24.60 -13.33 -18.62
C ILE B 537 -25.70 -12.77 -19.52
N CYS B 538 -26.76 -12.22 -18.93
CA CYS B 538 -27.90 -11.72 -19.71
C CYS B 538 -27.49 -10.68 -20.76
N ASN B 539 -26.65 -9.74 -20.35
CA ASN B 539 -26.23 -8.63 -21.22
C ASN B 539 -25.18 -9.01 -22.27
N ASN B 540 -24.45 -10.09 -22.04
CA ASN B 540 -23.28 -10.42 -22.88
C ASN B 540 -23.30 -11.79 -23.54
N VAL B 541 -24.39 -12.54 -23.37
CA VAL B 541 -24.50 -13.87 -23.96
C VAL B 541 -25.82 -13.93 -24.72
N LYS B 542 -25.74 -14.30 -26.00
CA LYS B 542 -26.90 -14.27 -26.88
C LYS B 542 -28.04 -15.10 -26.28
N GLY B 543 -29.23 -14.52 -26.28
CA GLY B 543 -30.43 -15.20 -25.79
C GLY B 543 -30.73 -14.98 -24.31
N CYS B 544 -29.78 -14.40 -23.59
CA CYS B 544 -29.92 -14.19 -22.14
C CYS B 544 -30.36 -15.48 -21.42
N PRO B 545 -29.54 -16.53 -21.49
CA PRO B 545 -29.89 -17.77 -20.80
C PRO B 545 -29.90 -17.58 -19.30
N PHE B 546 -30.74 -18.33 -18.60
CA PHE B 546 -30.73 -18.35 -17.14
C PHE B 546 -29.38 -18.87 -16.66
N THR B 547 -28.86 -18.29 -15.59
CA THR B 547 -27.70 -18.85 -14.92
C THR B 547 -27.69 -18.57 -13.44
N SER B 548 -26.80 -19.28 -12.76
CA SER B 548 -26.75 -19.37 -11.32
C SER B 548 -25.47 -20.15 -10.99
N PHE B 549 -25.03 -20.14 -9.74
CA PHE B 549 -23.92 -21.00 -9.32
C PHE B 549 -24.40 -22.34 -8.73
N ASN B 550 -25.71 -22.56 -8.71
CA ASN B 550 -26.32 -23.79 -8.19
C ASN B 550 -27.03 -24.52 -9.33
N VAL B 551 -26.93 -25.85 -9.38
CA VAL B 551 -27.73 -26.65 -10.30
C VAL B 551 -29.19 -26.62 -9.86
N GLN B 552 -30.10 -26.88 -10.80
CA GLN B 552 -31.53 -26.88 -10.52
C GLN B 552 -32.02 -28.28 -10.12
#